data_4Y40
#
_entry.id   4Y40
#
_cell.length_a   133.495
_cell.length_b   152.340
_cell.length_c   61.611
_cell.angle_alpha   90.00
_cell.angle_beta   97.05
_cell.angle_gamma   90.00
#
_symmetry.space_group_name_H-M   'C 1 2 1'
#
loop_
_entity.id
_entity.type
_entity.pdbx_description
1 polymer 'Serpin A12'
2 non-polymer 1,2-ETHANEDIOL
3 non-polymer 'SULFATE ION'
4 water water
#
_entity_poly.entity_id   1
_entity_poly.type   'polypeptide(L)'
_entity_poly.pdbx_seq_one_letter_code
;GHHHHHHHHHHSSGHIEGRHMKPSFSPRNYKALSEVQGWKQRMAAKELARQNMDLGFKLLKKLAFYNPGRNIFLSPLSIS
TAFSMLCLGAQDSTLDEIKQGFNFRKMPEKDLHEGFHYIIHELTQKTQDLKLSIGNTLFIDQRLQPQRKFLEDAKNFYSA
ETILTNFQNLEMAQKQINDFISQKTHGKINNLIENIDPGTVMLLANYIFFRARWKHEFDPNVTKEEDFFLEKNSSVKVPM
MFRSGIYQVGYDDKLSCTILEIPYQKNITAIFILPDEGKLKHLEKGLQVDTFSRWKTLLSRRVVCVSVPRLHMTGTFDLK
KTLSYIGVSKIFEEHGDLTKIAPHRSLKVGEAVHKAELKMDERGTEGAAGTGAQTLPMETPLCVKIDKPYLLLIYSEKIP
SVLFLGKIVNPIGK
;
_entity_poly.pdbx_strand_id   A,B
#
loop_
_chem_comp.id
_chem_comp.type
_chem_comp.name
_chem_comp.formula
EDO non-polymer 1,2-ETHANEDIOL 'C2 H6 O2'
SO4 non-polymer 'SULFATE ION' 'O4 S -2'
#
# COMPACT_ATOMS: atom_id res chain seq x y z
N VAL A 36 22.64 22.04 -27.70
CA VAL A 36 22.16 21.54 -26.40
C VAL A 36 23.33 21.13 -25.48
N GLN A 37 23.37 21.74 -24.28
CA GLN A 37 24.40 21.50 -23.26
C GLN A 37 24.30 20.13 -22.59
N GLY A 38 23.19 19.43 -22.80
CA GLY A 38 22.97 18.09 -22.27
C GLY A 38 23.53 17.00 -23.15
N TRP A 39 24.25 17.39 -24.24
CA TRP A 39 24.85 16.47 -25.22
C TRP A 39 25.76 15.41 -24.58
N LYS A 40 26.74 15.83 -23.74
CA LYS A 40 27.68 14.91 -23.11
C LYS A 40 26.99 13.92 -22.15
N GLN A 41 26.03 14.41 -21.31
CA GLN A 41 25.23 13.62 -20.39
C GLN A 41 24.49 12.53 -21.17
N ARG A 42 23.85 12.89 -22.32
CA ARG A 42 23.12 11.96 -23.20
C ARG A 42 24.05 10.90 -23.79
N MET A 43 25.28 11.28 -24.18
CA MET A 43 26.23 10.32 -24.73
C MET A 43 26.67 9.31 -23.68
N ALA A 44 26.96 9.80 -22.45
CA ALA A 44 27.37 9.03 -21.25
C ALA A 44 26.28 7.99 -20.91
N ALA A 45 25.01 8.45 -20.87
CA ALA A 45 23.81 7.68 -20.63
C ALA A 45 23.63 6.60 -21.69
N LYS A 46 23.86 6.94 -22.96
CA LYS A 46 23.77 6.00 -24.10
C LYS A 46 24.77 4.85 -23.91
N GLU A 47 26.01 5.17 -23.52
CA GLU A 47 27.04 4.19 -23.21
C GLU A 47 26.64 3.36 -21.96
N LEU A 48 26.10 4.00 -20.90
CA LEU A 48 25.68 3.26 -19.68
C LEU A 48 24.54 2.28 -19.97
N ALA A 49 23.59 2.71 -20.79
CA ALA A 49 22.46 1.93 -21.25
C ALA A 49 22.88 0.60 -21.94
N ARG A 50 23.94 0.64 -22.79
CA ARG A 50 24.47 -0.55 -23.47
C ARG A 50 25.02 -1.53 -22.45
N GLN A 51 25.70 -1.00 -21.42
CA GLN A 51 26.24 -1.81 -20.33
C GLN A 51 25.15 -2.36 -19.42
N ASN A 52 24.00 -1.64 -19.14
CA ASN A 52 22.94 -2.28 -18.31
C ASN A 52 22.26 -3.43 -19.06
N MET A 53 22.26 -3.39 -20.42
CA MET A 53 21.68 -4.47 -21.21
C MET A 53 22.49 -5.73 -21.04
N ASP A 54 23.84 -5.61 -21.13
CA ASP A 54 24.76 -6.70 -20.93
C ASP A 54 24.61 -7.26 -19.51
N LEU A 55 24.54 -6.36 -18.49
CA LEU A 55 24.37 -6.73 -17.09
C LEU A 55 23.11 -7.56 -16.89
N GLY A 56 22.00 -7.06 -17.44
CA GLY A 56 20.69 -7.70 -17.33
C GLY A 56 20.69 -9.11 -17.87
N PHE A 57 21.27 -9.29 -19.07
CA PHE A 57 21.31 -10.62 -19.69
C PHE A 57 22.21 -11.58 -18.90
N LYS A 58 23.33 -11.07 -18.32
CA LYS A 58 24.21 -11.87 -17.48
C LYS A 58 23.47 -12.32 -16.21
N LEU A 59 22.75 -11.38 -15.55
CA LEU A 59 21.98 -11.63 -14.33
C LEU A 59 20.86 -12.62 -14.57
N LEU A 60 20.05 -12.39 -15.63
CA LEU A 60 18.94 -13.27 -16.03
C LEU A 60 19.44 -14.69 -16.29
N LYS A 61 20.55 -14.84 -17.04
CA LYS A 61 21.14 -16.14 -17.36
C LYS A 61 21.53 -16.91 -16.09
N LYS A 62 22.21 -16.25 -15.15
CA LYS A 62 22.64 -16.85 -13.88
C LYS A 62 21.44 -17.20 -12.98
N LEU A 63 20.51 -16.23 -12.82
CA LEU A 63 19.32 -16.40 -12.00
C LEU A 63 18.44 -17.56 -12.46
N ALA A 64 18.22 -17.69 -13.79
CA ALA A 64 17.47 -18.78 -14.38
C ALA A 64 18.19 -20.12 -14.31
N PHE A 65 19.53 -20.14 -14.43
CA PHE A 65 20.30 -21.38 -14.33
C PHE A 65 20.17 -21.99 -12.93
N TYR A 66 20.32 -21.15 -11.89
CA TYR A 66 20.23 -21.57 -10.50
C TYR A 66 18.81 -21.73 -9.96
N ASN A 67 17.83 -21.04 -10.57
CA ASN A 67 16.44 -21.08 -10.13
C ASN A 67 15.50 -21.33 -11.32
N PRO A 68 15.56 -22.51 -11.99
CA PRO A 68 14.65 -22.76 -13.13
C PRO A 68 13.19 -22.89 -12.71
N GLY A 69 12.29 -22.79 -13.69
CA GLY A 69 10.85 -22.89 -13.49
C GLY A 69 10.26 -21.82 -12.60
N ARG A 70 10.95 -20.67 -12.50
CA ARG A 70 10.49 -19.57 -11.67
C ARG A 70 10.50 -18.26 -12.41
N ASN A 71 9.55 -17.39 -12.10
CA ASN A 71 9.51 -16.04 -12.64
C ASN A 71 10.75 -15.28 -12.12
N ILE A 72 11.38 -14.50 -13.00
CA ILE A 72 12.52 -13.62 -12.67
C ILE A 72 12.16 -12.26 -13.15
N PHE A 73 12.09 -11.28 -12.24
CA PHE A 73 11.69 -9.94 -12.64
C PHE A 73 12.53 -8.90 -11.93
N LEU A 74 13.38 -8.21 -12.67
CA LEU A 74 14.29 -7.24 -12.09
C LEU A 74 14.51 -6.09 -13.01
N SER A 75 15.12 -5.04 -12.47
CA SER A 75 15.52 -3.88 -13.24
C SER A 75 17.05 -3.79 -13.24
N PRO A 76 17.75 -4.12 -14.35
CA PRO A 76 19.21 -4.01 -14.33
C PRO A 76 19.68 -2.56 -14.24
N LEU A 77 18.91 -1.62 -14.82
CA LEU A 77 19.20 -0.19 -14.72
C LEU A 77 19.19 0.28 -13.24
N SER A 78 18.09 0.02 -12.50
CA SER A 78 17.92 0.40 -11.10
C SER A 78 19.07 -0.15 -10.23
N ILE A 79 19.42 -1.44 -10.43
CA ILE A 79 20.54 -2.13 -9.78
C ILE A 79 21.84 -1.37 -10.00
N SER A 80 22.11 -0.99 -11.26
CA SER A 80 23.31 -0.24 -11.65
C SER A 80 23.39 1.12 -10.99
N THR A 81 22.22 1.82 -10.81
CA THR A 81 22.19 3.16 -10.17
C THR A 81 22.64 3.08 -8.73
N ALA A 82 22.27 1.98 -8.03
CA ALA A 82 22.60 1.73 -6.63
C ALA A 82 24.11 1.68 -6.39
N PHE A 83 24.82 0.88 -7.19
CA PHE A 83 26.26 0.66 -7.04
C PHE A 83 27.10 1.77 -7.67
N SER A 84 26.55 2.49 -8.64
CA SER A 84 27.21 3.67 -9.18
C SER A 84 27.16 4.78 -8.11
N MET A 85 26.00 4.90 -7.41
CA MET A 85 25.76 5.85 -6.33
C MET A 85 26.79 5.56 -5.22
N LEU A 86 27.02 4.26 -4.91
CA LEU A 86 27.99 3.85 -3.87
C LEU A 86 29.42 4.21 -4.24
N CYS A 87 29.72 4.33 -5.55
CA CYS A 87 31.03 4.77 -6.07
C CYS A 87 31.33 6.19 -5.65
N LEU A 88 30.30 7.00 -5.31
CA LEU A 88 30.50 8.36 -4.82
C LEU A 88 31.19 8.34 -3.43
N GLY A 89 30.95 7.28 -2.66
CA GLY A 89 31.51 7.14 -1.32
C GLY A 89 32.50 6.01 -1.09
N ALA A 90 32.85 5.26 -2.16
CA ALA A 90 33.79 4.13 -2.08
C ALA A 90 35.17 4.49 -2.59
N GLN A 91 36.21 3.86 -2.03
CA GLN A 91 37.61 4.08 -2.40
C GLN A 91 38.34 2.77 -2.65
N ASP A 92 39.53 2.87 -3.28
CA ASP A 92 40.49 1.80 -3.51
C ASP A 92 39.89 0.50 -4.08
N SER A 93 40.23 -0.67 -3.49
CA SER A 93 39.79 -1.99 -3.97
C SER A 93 38.26 -2.13 -4.11
N THR A 94 37.47 -1.58 -3.16
CA THR A 94 36.00 -1.64 -3.19
C THR A 94 35.47 -0.88 -4.41
N LEU A 95 35.94 0.36 -4.61
CA LEU A 95 35.59 1.21 -5.76
C LEU A 95 35.96 0.49 -7.06
N ASP A 96 37.24 0.06 -7.16
CA ASP A 96 37.78 -0.65 -8.32
C ASP A 96 36.94 -1.87 -8.69
N GLU A 97 36.60 -2.72 -7.71
CA GLU A 97 35.85 -3.94 -7.97
C GLU A 97 34.40 -3.66 -8.46
N ILE A 98 33.73 -2.59 -7.94
CA ILE A 98 32.38 -2.23 -8.40
C ILE A 98 32.46 -1.83 -9.88
N LYS A 99 33.38 -0.90 -10.22
CA LYS A 99 33.63 -0.38 -11.57
C LYS A 99 34.00 -1.47 -12.58
N GLN A 100 34.75 -2.49 -12.15
CA GLN A 100 35.14 -3.64 -12.96
C GLN A 100 33.93 -4.55 -13.21
N GLY A 101 33.23 -4.94 -12.12
CA GLY A 101 32.06 -5.82 -12.15
C GLY A 101 30.89 -5.30 -12.94
N PHE A 102 30.63 -3.99 -12.83
CA PHE A 102 29.56 -3.28 -13.52
C PHE A 102 29.98 -2.65 -14.85
N ASN A 103 31.28 -2.69 -15.18
CA ASN A 103 31.87 -2.14 -16.41
C ASN A 103 31.62 -0.63 -16.52
N PHE A 104 32.04 0.10 -15.48
CA PHE A 104 31.93 1.55 -15.34
C PHE A 104 33.32 2.17 -15.60
N ARG A 105 34.26 1.35 -16.09
CA ARG A 105 35.65 1.73 -16.33
C ARG A 105 35.92 2.45 -17.67
N LYS A 106 35.00 2.33 -18.65
CA LYS A 106 35.21 2.91 -19.99
C LYS A 106 35.12 4.44 -20.07
N MET A 107 34.55 5.11 -19.04
CA MET A 107 34.44 6.57 -19.03
C MET A 107 34.91 7.19 -17.70
N PRO A 108 35.36 8.47 -17.65
CA PRO A 108 35.73 9.08 -16.37
C PRO A 108 34.55 9.10 -15.39
N GLU A 109 34.86 9.04 -14.08
CA GLU A 109 33.89 9.02 -12.98
C GLU A 109 32.87 10.15 -13.04
N LYS A 110 33.29 11.36 -13.44
CA LYS A 110 32.44 12.52 -13.61
C LYS A 110 31.32 12.20 -14.61
N ASP A 111 31.68 11.58 -15.74
CA ASP A 111 30.74 11.22 -16.80
C ASP A 111 29.79 10.12 -16.37
N LEU A 112 30.30 9.18 -15.56
CA LEU A 112 29.52 8.09 -15.00
C LEU A 112 28.34 8.67 -14.16
N HIS A 113 28.65 9.58 -13.21
CA HIS A 113 27.65 10.19 -12.34
C HIS A 113 26.70 11.11 -13.09
N GLU A 114 27.23 11.89 -14.07
CA GLU A 114 26.45 12.80 -14.92
C GLU A 114 25.50 12.04 -15.85
N GLY A 115 25.95 10.88 -16.34
CA GLY A 115 25.17 10.00 -17.22
C GLY A 115 23.99 9.41 -16.47
N PHE A 116 24.25 8.86 -15.26
CA PHE A 116 23.22 8.30 -14.37
C PHE A 116 22.27 9.38 -13.88
N HIS A 117 22.76 10.59 -13.58
CA HIS A 117 21.89 11.69 -13.21
C HIS A 117 20.87 12.00 -14.35
N TYR A 118 21.34 12.08 -15.61
CA TYR A 118 20.51 12.31 -16.80
C TYR A 118 19.45 11.21 -16.94
N ILE A 119 19.84 9.93 -16.85
CA ILE A 119 18.91 8.82 -16.96
C ILE A 119 17.78 8.93 -15.92
N ILE A 120 18.16 9.15 -14.64
CA ILE A 120 17.20 9.23 -13.54
C ILE A 120 16.28 10.42 -13.70
N HIS A 121 16.85 11.59 -13.99
CA HIS A 121 16.07 12.80 -14.12
C HIS A 121 15.05 12.71 -15.26
N GLU A 122 15.47 12.18 -16.42
CA GLU A 122 14.62 12.02 -17.61
C GLU A 122 13.49 11.04 -17.40
N LEU A 123 13.78 9.89 -16.78
CA LEU A 123 12.80 8.84 -16.55
C LEU A 123 11.82 9.10 -15.41
N THR A 124 12.23 9.84 -14.36
CA THR A 124 11.42 10.13 -13.15
C THR A 124 10.26 11.03 -13.48
N GLN A 125 9.05 10.45 -13.47
CA GLN A 125 7.82 11.13 -13.83
C GLN A 125 6.62 10.67 -13.01
N LYS A 126 5.65 11.59 -12.86
CA LYS A 126 4.38 11.38 -12.19
C LYS A 126 3.30 12.04 -13.07
N THR A 127 3.28 11.64 -14.36
CA THR A 127 2.37 12.16 -15.37
C THR A 127 1.27 11.13 -15.69
N GLN A 128 0.30 11.53 -16.51
CA GLN A 128 -0.83 10.69 -16.92
C GLN A 128 -0.36 9.50 -17.77
N ASP A 129 0.72 9.68 -18.54
CA ASP A 129 1.29 8.68 -19.43
C ASP A 129 2.33 7.77 -18.82
N LEU A 130 3.04 8.28 -17.78
CA LEU A 130 4.11 7.57 -17.11
C LEU A 130 4.30 7.96 -15.65
N LYS A 131 4.38 6.94 -14.79
CA LYS A 131 4.69 6.99 -13.36
C LYS A 131 5.86 6.04 -13.18
N LEU A 132 7.04 6.60 -12.93
CA LEU A 132 8.28 5.85 -12.77
C LEU A 132 9.16 6.60 -11.77
N SER A 133 9.70 5.89 -10.79
CA SER A 133 10.66 6.39 -9.82
C SER A 133 11.67 5.30 -9.52
N ILE A 134 12.95 5.70 -9.40
CA ILE A 134 14.09 4.86 -9.02
C ILE A 134 14.49 5.37 -7.64
N GLY A 135 14.25 4.54 -6.64
CA GLY A 135 14.58 4.83 -5.25
C GLY A 135 15.87 4.18 -4.81
N ASN A 136 16.69 4.95 -4.07
CA ASN A 136 17.96 4.50 -3.48
C ASN A 136 18.06 5.06 -2.11
N THR A 137 17.79 4.22 -1.12
CA THR A 137 17.86 4.67 0.27
C THR A 137 18.87 3.87 1.03
N LEU A 138 19.82 4.60 1.65
CA LEU A 138 20.84 4.02 2.51
C LEU A 138 20.37 4.24 3.94
N PHE A 139 20.02 3.16 4.64
CA PHE A 139 19.63 3.21 6.05
C PHE A 139 20.90 2.99 6.86
N ILE A 140 21.31 4.03 7.59
CA ILE A 140 22.53 4.01 8.38
C ILE A 140 22.24 4.12 9.86
N ASP A 141 23.01 3.38 10.69
CA ASP A 141 22.83 3.40 12.12
C ASP A 141 23.00 4.82 12.63
N GLN A 142 22.05 5.27 13.48
CA GLN A 142 21.98 6.61 14.08
C GLN A 142 23.27 7.04 14.80
N ARG A 143 24.11 6.09 15.23
CA ARG A 143 25.37 6.39 15.91
C ARG A 143 26.47 6.83 14.92
N LEU A 144 26.28 6.54 13.62
CA LEU A 144 27.29 6.86 12.61
C LEU A 144 27.12 8.25 12.10
N GLN A 145 28.16 8.82 11.52
CA GLN A 145 28.06 10.18 10.99
C GLN A 145 28.17 10.23 9.49
N PRO A 146 27.04 10.20 8.74
CA PRO A 146 27.14 10.30 7.27
C PRO A 146 27.71 11.67 6.87
N GLN A 147 28.76 11.66 6.05
CA GLN A 147 29.48 12.85 5.61
C GLN A 147 28.70 13.67 4.60
N ARG A 148 28.84 15.00 4.73
CA ARG A 148 28.17 16.04 3.96
C ARG A 148 28.35 15.91 2.46
N LYS A 149 29.63 15.83 1.98
CA LYS A 149 29.94 15.75 0.54
C LYS A 149 29.24 14.53 -0.10
N PHE A 150 29.37 13.30 0.49
CA PHE A 150 28.72 12.08 -0.03
C PHE A 150 27.20 12.25 -0.07
N LEU A 151 26.63 12.81 1.02
CA LEU A 151 25.19 13.06 1.19
C LEU A 151 24.66 13.96 0.11
N GLU A 152 25.39 15.03 -0.20
CA GLU A 152 25.01 16.02 -1.20
C GLU A 152 25.09 15.48 -2.60
N ASP A 153 26.17 14.74 -2.92
CA ASP A 153 26.39 14.12 -4.22
C ASP A 153 25.36 13.05 -4.50
N ALA A 154 25.03 12.20 -3.50
CA ALA A 154 24.04 11.11 -3.63
C ALA A 154 22.68 11.70 -3.93
N LYS A 155 22.29 12.73 -3.17
CA LYS A 155 21.02 13.44 -3.37
C LYS A 155 21.01 14.18 -4.73
N ASN A 156 22.07 14.93 -5.07
CA ASN A 156 22.09 15.71 -6.32
C ASN A 156 22.17 14.90 -7.60
N PHE A 157 23.00 13.85 -7.62
CA PHE A 157 23.16 13.03 -8.81
C PHE A 157 22.13 11.91 -8.94
N TYR A 158 21.71 11.29 -7.82
CA TYR A 158 20.83 10.13 -7.83
C TYR A 158 19.49 10.28 -7.16
N SER A 159 19.22 11.40 -6.47
CA SER A 159 18.02 11.56 -5.63
C SER A 159 18.02 10.45 -4.53
N ALA A 160 19.22 10.00 -4.13
CA ALA A 160 19.41 8.98 -3.10
C ALA A 160 19.37 9.66 -1.74
N GLU A 161 18.70 9.04 -0.77
CA GLU A 161 18.63 9.65 0.56
C GLU A 161 19.22 8.72 1.59
N THR A 162 19.81 9.28 2.64
CA THR A 162 20.36 8.49 3.76
C THR A 162 19.44 8.73 4.95
N ILE A 163 18.92 7.64 5.54
CA ILE A 163 17.99 7.69 6.66
C ILE A 163 18.62 7.07 7.89
N LEU A 164 18.57 7.79 9.03
CA LEU A 164 19.07 7.32 10.32
C LEU A 164 18.13 6.24 10.87
N THR A 165 18.72 5.10 11.30
CA THR A 165 17.99 3.93 11.76
C THR A 165 18.56 3.40 13.05
N ASN A 166 17.70 2.82 13.89
CA ASN A 166 18.15 2.21 15.12
C ASN A 166 18.29 0.70 14.90
N PHE A 167 19.49 0.27 14.50
CA PHE A 167 19.81 -1.14 14.23
C PHE A 167 20.02 -1.99 15.52
N GLN A 168 19.93 -1.38 16.73
CA GLN A 168 20.03 -2.13 17.99
C GLN A 168 18.72 -2.90 18.24
N ASN A 169 17.62 -2.51 17.52
CA ASN A 169 16.30 -3.16 17.57
C ASN A 169 15.92 -3.50 16.15
N LEU A 170 16.35 -4.67 15.69
CA LEU A 170 16.17 -5.15 14.31
C LEU A 170 14.73 -5.25 13.86
N GLU A 171 13.81 -5.67 14.76
CA GLU A 171 12.37 -5.78 14.46
C GLU A 171 11.76 -4.41 14.15
N MET A 172 12.15 -3.39 14.93
CA MET A 172 11.73 -1.99 14.81
C MET A 172 12.37 -1.36 13.57
N ALA A 173 13.66 -1.65 13.32
CA ALA A 173 14.38 -1.17 12.14
C ALA A 173 13.69 -1.68 10.88
N GLN A 174 13.29 -2.97 10.84
CA GLN A 174 12.60 -3.56 9.69
C GLN A 174 11.25 -2.90 9.39
N LYS A 175 10.39 -2.72 10.44
CA LYS A 175 9.08 -2.09 10.26
C LYS A 175 9.25 -0.62 9.84
N GLN A 176 10.30 0.09 10.34
CA GLN A 176 10.63 1.48 9.99
C GLN A 176 11.02 1.59 8.53
N ILE A 177 11.93 0.72 8.06
CA ILE A 177 12.39 0.70 6.67
C ILE A 177 11.20 0.41 5.74
N ASN A 178 10.44 -0.67 6.00
CA ASN A 178 9.29 -1.05 5.17
C ASN A 178 8.20 0.03 5.13
N ASP A 179 7.96 0.71 6.24
CA ASP A 179 6.95 1.78 6.29
C ASP A 179 7.44 3.00 5.51
N PHE A 180 8.72 3.38 5.67
CA PHE A 180 9.35 4.49 4.94
C PHE A 180 9.16 4.31 3.42
N ILE A 181 9.52 3.12 2.89
CA ILE A 181 9.45 2.80 1.45
C ILE A 181 8.00 2.64 0.96
N SER A 182 7.10 2.02 1.76
CA SER A 182 5.69 1.91 1.36
C SER A 182 5.07 3.30 1.22
N GLN A 183 5.36 4.20 2.18
CA GLN A 183 4.86 5.58 2.16
C GLN A 183 5.42 6.37 0.97
N LYS A 184 6.77 6.35 0.78
CA LYS A 184 7.46 7.04 -0.31
C LYS A 184 6.92 6.62 -1.68
N THR A 185 6.69 5.30 -1.87
CA THR A 185 6.21 4.75 -3.14
C THR A 185 4.69 4.69 -3.28
N HIS A 186 3.96 5.19 -2.27
CA HIS A 186 2.49 5.19 -2.25
C HIS A 186 1.89 3.77 -2.38
N GLY A 187 2.50 2.83 -1.64
CA GLY A 187 2.07 1.43 -1.57
C GLY A 187 2.44 0.61 -2.77
N LYS A 188 3.41 1.06 -3.57
CA LYS A 188 3.86 0.30 -4.73
C LYS A 188 4.95 -0.68 -4.35
N ILE A 189 5.84 -0.28 -3.41
CA ILE A 189 6.96 -1.11 -2.95
C ILE A 189 6.74 -1.41 -1.48
N ASN A 190 6.27 -2.62 -1.20
CA ASN A 190 5.95 -3.03 0.16
C ASN A 190 6.79 -4.20 0.56
N ASN A 191 7.00 -4.39 1.89
CA ASN A 191 7.72 -5.51 2.48
C ASN A 191 9.08 -5.78 1.80
N LEU A 192 9.80 -4.69 1.54
CA LEU A 192 11.11 -4.71 0.86
C LEU A 192 12.10 -5.54 1.69
N ILE A 193 12.10 -5.37 3.02
CA ILE A 193 12.99 -6.09 3.94
C ILE A 193 12.24 -7.18 4.68
N GLU A 194 12.74 -8.42 4.62
CA GLU A 194 12.12 -9.54 5.33
C GLU A 194 12.98 -10.02 6.50
N ASN A 195 14.26 -9.62 6.52
CA ASN A 195 15.24 -9.99 7.54
C ASN A 195 16.42 -9.02 7.57
N ILE A 196 16.94 -8.72 8.78
CA ILE A 196 18.14 -7.88 8.97
C ILE A 196 19.11 -8.72 9.81
N ASP A 197 20.35 -8.92 9.32
CA ASP A 197 21.32 -9.70 10.09
C ASP A 197 21.88 -8.87 11.25
N PRO A 198 22.04 -9.43 12.49
CA PRO A 198 22.64 -8.64 13.58
C PRO A 198 24.03 -8.12 13.20
N GLY A 199 24.36 -6.94 13.69
CA GLY A 199 25.62 -6.29 13.35
C GLY A 199 25.54 -5.37 12.15
N THR A 200 24.41 -5.38 11.39
CA THR A 200 24.21 -4.48 10.24
C THR A 200 24.18 -3.02 10.73
N VAL A 201 24.99 -2.14 10.13
CA VAL A 201 24.98 -0.72 10.49
C VAL A 201 24.64 0.12 9.26
N MET A 202 24.58 -0.55 8.10
CA MET A 202 24.28 0.09 6.83
C MET A 202 23.55 -0.86 5.89
N LEU A 203 22.33 -0.48 5.50
CA LEU A 203 21.46 -1.26 4.63
C LEU A 203 21.13 -0.44 3.39
N LEU A 204 21.33 -1.02 2.21
CA LEU A 204 20.98 -0.36 0.98
C LEU A 204 19.67 -0.91 0.42
N ALA A 205 18.70 -0.02 0.20
CA ALA A 205 17.43 -0.37 -0.40
C ALA A 205 17.34 0.30 -1.77
N ASN A 206 17.24 -0.51 -2.83
CA ASN A 206 17.09 -0.09 -4.22
C ASN A 206 15.73 -0.59 -4.74
N TYR A 207 14.91 0.30 -5.27
CA TYR A 207 13.55 -0.05 -5.69
C TYR A 207 13.05 0.79 -6.83
N ILE A 208 12.31 0.17 -7.74
CA ILE A 208 11.72 0.82 -8.91
C ILE A 208 10.28 0.36 -9.16
N PHE A 209 9.39 1.28 -9.50
CA PHE A 209 8.01 0.97 -9.88
C PHE A 209 7.72 1.57 -11.26
N PHE A 210 6.74 1.01 -11.97
CA PHE A 210 6.37 1.46 -13.30
C PHE A 210 4.88 1.37 -13.57
N ARG A 211 4.30 2.46 -14.06
CA ARG A 211 2.92 2.56 -14.55
C ARG A 211 3.02 3.36 -15.83
N ALA A 212 2.43 2.85 -16.92
CA ALA A 212 2.46 3.60 -18.18
C ALA A 212 1.30 3.27 -19.08
N ARG A 213 0.86 4.27 -19.84
CA ARG A 213 -0.22 4.12 -20.80
C ARG A 213 0.34 3.67 -22.13
N TRP A 214 -0.31 2.69 -22.76
CA TRP A 214 0.05 2.20 -24.10
C TRP A 214 -0.23 3.33 -25.12
N LYS A 215 0.47 3.32 -26.27
CA LYS A 215 0.24 4.29 -27.34
C LYS A 215 -1.20 4.12 -27.85
N HIS A 216 -1.72 2.89 -27.76
CA HIS A 216 -3.11 2.50 -28.11
C HIS A 216 -3.66 1.54 -27.05
N GLU A 217 -4.67 2.00 -26.31
CA GLU A 217 -5.28 1.24 -25.23
C GLU A 217 -5.93 -0.04 -25.72
N PHE A 218 -5.91 -1.09 -24.88
CA PHE A 218 -6.59 -2.33 -25.15
C PHE A 218 -8.05 -2.13 -24.70
N ASP A 219 -8.99 -2.79 -25.38
CA ASP A 219 -10.41 -2.71 -25.01
C ASP A 219 -10.62 -3.72 -23.86
N PRO A 220 -10.92 -3.28 -22.61
CA PRO A 220 -11.05 -4.23 -21.48
C PRO A 220 -12.21 -5.21 -21.59
N ASN A 221 -13.20 -4.90 -22.43
CA ASN A 221 -14.36 -5.74 -22.67
C ASN A 221 -13.98 -6.96 -23.54
N VAL A 222 -12.86 -6.85 -24.29
CA VAL A 222 -12.34 -7.88 -25.20
C VAL A 222 -11.34 -8.78 -24.45
N THR A 223 -10.88 -8.35 -23.27
CA THR A 223 -9.96 -9.10 -22.41
C THR A 223 -10.70 -10.34 -21.89
N LYS A 224 -10.11 -11.54 -22.07
CA LYS A 224 -10.74 -12.79 -21.66
C LYS A 224 -9.77 -13.72 -20.96
N GLU A 225 -10.29 -14.59 -20.07
CA GLU A 225 -9.55 -15.64 -19.37
C GLU A 225 -9.20 -16.68 -20.43
N GLU A 226 -7.90 -16.86 -20.70
CA GLU A 226 -7.42 -17.80 -21.71
C GLU A 226 -6.40 -18.75 -21.11
N ASP A 227 -6.10 -19.85 -21.82
CA ASP A 227 -5.11 -20.83 -21.39
C ASP A 227 -3.67 -20.33 -21.50
N PHE A 228 -2.90 -20.54 -20.43
CA PHE A 228 -1.47 -20.26 -20.41
C PHE A 228 -0.78 -21.57 -20.08
N PHE A 229 -0.08 -22.12 -21.07
CA PHE A 229 0.63 -23.39 -20.97
C PHE A 229 1.91 -23.23 -20.14
N LEU A 230 1.84 -23.62 -18.85
CA LEU A 230 2.99 -23.59 -17.92
C LEU A 230 4.02 -24.61 -18.42
N GLU A 231 3.53 -25.78 -18.86
CA GLU A 231 4.25 -26.90 -19.47
C GLU A 231 3.52 -27.22 -20.79
N LYS A 232 4.06 -28.14 -21.60
CA LYS A 232 3.44 -28.55 -22.88
C LYS A 232 2.01 -29.16 -22.73
N ASN A 233 1.62 -29.55 -21.48
CA ASN A 233 0.31 -30.12 -21.14
C ASN A 233 -0.41 -29.33 -20.03
N SER A 234 0.34 -28.90 -18.99
CA SER A 234 -0.20 -28.15 -17.85
C SER A 234 -0.56 -26.72 -18.23
N SER A 235 -1.80 -26.32 -17.89
CA SER A 235 -2.35 -25.00 -18.19
C SER A 235 -2.99 -24.35 -16.98
N VAL A 236 -3.13 -23.01 -17.05
CA VAL A 236 -3.80 -22.19 -16.05
C VAL A 236 -4.53 -21.03 -16.77
N LYS A 237 -5.71 -20.63 -16.25
CA LYS A 237 -6.51 -19.56 -16.85
C LYS A 237 -5.97 -18.21 -16.42
N VAL A 238 -5.62 -17.37 -17.40
CA VAL A 238 -5.05 -16.03 -17.16
C VAL A 238 -5.83 -14.94 -17.93
N PRO A 239 -6.03 -13.73 -17.35
CA PRO A 239 -6.67 -12.65 -18.12
C PRO A 239 -5.73 -12.26 -19.29
N MET A 240 -6.21 -12.45 -20.53
CA MET A 240 -5.50 -12.21 -21.78
C MET A 240 -6.07 -10.98 -22.50
N MET A 241 -5.23 -10.00 -22.82
CA MET A 241 -5.63 -8.78 -23.52
C MET A 241 -5.56 -9.05 -25.02
N PHE A 242 -6.47 -8.44 -25.79
CA PHE A 242 -6.56 -8.60 -27.23
C PHE A 242 -6.65 -7.25 -27.92
N ARG A 243 -5.97 -7.13 -29.06
CA ARG A 243 -5.99 -5.98 -29.95
C ARG A 243 -5.34 -6.33 -31.28
N SER A 244 -5.91 -5.79 -32.35
CA SER A 244 -5.40 -5.90 -33.71
C SER A 244 -4.99 -4.50 -34.14
N GLY A 245 -3.80 -4.38 -34.70
CA GLY A 245 -3.27 -3.10 -35.16
C GLY A 245 -1.88 -3.23 -35.73
N ILE A 246 -1.24 -2.08 -36.03
CA ILE A 246 0.11 -2.12 -36.56
C ILE A 246 1.11 -2.27 -35.42
N TYR A 247 1.97 -3.30 -35.52
CA TYR A 247 3.02 -3.60 -34.54
C TYR A 247 4.30 -4.04 -35.22
N GLN A 248 5.43 -3.69 -34.61
CA GLN A 248 6.76 -4.12 -35.02
C GLN A 248 6.81 -5.59 -34.58
N VAL A 249 7.12 -6.47 -35.53
CA VAL A 249 7.12 -7.92 -35.33
C VAL A 249 8.19 -8.56 -36.19
N GLY A 250 8.71 -9.69 -35.72
CA GLY A 250 9.73 -10.45 -36.41
C GLY A 250 9.89 -11.83 -35.84
N TYR A 251 10.74 -12.63 -36.48
CA TYR A 251 11.09 -13.97 -36.03
C TYR A 251 12.59 -14.15 -36.19
N ASP A 252 13.25 -14.64 -35.12
CA ASP A 252 14.69 -14.92 -35.07
C ASP A 252 14.91 -16.41 -35.32
N ASP A 253 15.47 -16.75 -36.50
CA ASP A 253 15.75 -18.15 -36.85
C ASP A 253 16.88 -18.74 -36.00
N LYS A 254 17.85 -17.90 -35.60
CA LYS A 254 19.04 -18.29 -34.82
C LYS A 254 18.74 -18.69 -33.38
N LEU A 255 17.71 -18.08 -32.76
CA LEU A 255 17.31 -18.35 -31.38
C LEU A 255 15.91 -18.95 -31.24
N SER A 256 15.28 -19.27 -32.38
CA SER A 256 13.95 -19.88 -32.51
C SER A 256 12.89 -19.15 -31.67
N CYS A 257 12.76 -17.83 -31.90
CA CYS A 257 11.84 -17.02 -31.10
C CYS A 257 11.15 -15.92 -31.89
N THR A 258 9.91 -15.64 -31.49
CA THR A 258 9.08 -14.58 -32.06
C THR A 258 9.37 -13.28 -31.28
N ILE A 259 9.43 -12.15 -31.99
CA ILE A 259 9.67 -10.86 -31.35
C ILE A 259 8.47 -9.96 -31.57
N LEU A 260 7.94 -9.37 -30.50
CA LEU A 260 6.82 -8.45 -30.64
C LEU A 260 7.03 -7.21 -29.78
N GLU A 261 6.93 -6.04 -30.40
CA GLU A 261 7.08 -4.75 -29.70
C GLU A 261 5.73 -4.08 -29.56
N ILE A 262 5.42 -3.62 -28.34
CA ILE A 262 4.17 -2.88 -28.08
C ILE A 262 4.59 -1.56 -27.44
N PRO A 263 4.34 -0.42 -28.14
CA PRO A 263 4.80 0.86 -27.60
C PRO A 263 3.91 1.47 -26.52
N TYR A 264 4.55 2.19 -25.59
CA TYR A 264 3.86 2.98 -24.59
C TYR A 264 3.74 4.37 -25.18
N GLN A 265 2.90 5.23 -24.57
CA GLN A 265 2.70 6.59 -25.02
C GLN A 265 4.01 7.40 -24.98
N LYS A 266 4.79 7.30 -23.87
CA LYS A 266 6.11 7.93 -23.77
C LYS A 266 7.06 7.06 -24.62
N ASN A 267 8.31 7.48 -24.88
CA ASN A 267 9.18 6.70 -25.78
C ASN A 267 9.76 5.42 -25.13
N ILE A 268 8.87 4.54 -24.66
CA ILE A 268 9.18 3.28 -24.00
C ILE A 268 8.42 2.20 -24.74
N THR A 269 9.04 1.03 -24.90
CA THR A 269 8.49 -0.11 -25.62
C THR A 269 8.53 -1.38 -24.77
N ALA A 270 7.46 -2.20 -24.84
CA ALA A 270 7.40 -3.51 -24.20
C ALA A 270 7.77 -4.52 -25.30
N ILE A 271 8.89 -5.22 -25.14
CA ILE A 271 9.39 -6.21 -26.09
C ILE A 271 9.12 -7.60 -25.54
N PHE A 272 8.28 -8.38 -26.24
CA PHE A 272 7.91 -9.76 -25.89
C PHE A 272 8.73 -10.72 -26.73
N ILE A 273 9.44 -11.64 -26.08
CA ILE A 273 10.27 -12.63 -26.76
C ILE A 273 9.69 -13.98 -26.43
N LEU A 274 9.01 -14.56 -27.43
CA LEU A 274 8.33 -15.83 -27.27
C LEU A 274 9.10 -16.96 -27.94
N PRO A 275 9.79 -17.81 -27.14
CA PRO A 275 10.53 -18.93 -27.75
C PRO A 275 9.59 -19.97 -28.35
N ASP A 276 10.10 -20.76 -29.31
CA ASP A 276 9.35 -21.86 -29.90
C ASP A 276 9.30 -22.96 -28.85
N GLU A 277 8.34 -23.90 -28.96
CA GLU A 277 8.17 -25.02 -28.03
C GLU A 277 9.52 -25.69 -27.73
N GLY A 278 9.87 -25.72 -26.45
CA GLY A 278 11.11 -26.30 -25.95
C GLY A 278 12.40 -25.57 -26.31
N LYS A 279 12.31 -24.25 -26.63
CA LYS A 279 13.50 -23.45 -26.98
C LYS A 279 13.83 -22.33 -25.96
N LEU A 280 13.19 -22.33 -24.77
CA LEU A 280 13.45 -21.31 -23.74
C LEU A 280 14.90 -21.35 -23.24
N LYS A 281 15.41 -22.55 -22.89
CA LYS A 281 16.79 -22.70 -22.41
C LYS A 281 17.80 -22.21 -23.46
N HIS A 282 17.58 -22.60 -24.74
CA HIS A 282 18.40 -22.19 -25.89
C HIS A 282 18.40 -20.67 -26.07
N LEU A 283 17.22 -20.02 -25.92
CA LEU A 283 17.06 -18.57 -26.02
C LEU A 283 17.84 -17.87 -24.90
N GLU A 284 17.68 -18.35 -23.65
CA GLU A 284 18.37 -17.83 -22.47
C GLU A 284 19.89 -17.88 -22.66
N LYS A 285 20.41 -19.02 -23.14
CA LYS A 285 21.83 -19.30 -23.40
C LYS A 285 22.44 -18.39 -24.48
N GLY A 286 21.63 -17.99 -25.47
CA GLY A 286 22.07 -17.15 -26.58
C GLY A 286 21.94 -15.65 -26.37
N LEU A 287 21.36 -15.20 -25.24
CA LEU A 287 21.16 -13.75 -24.95
C LEU A 287 22.47 -12.97 -24.86
N GLN A 288 22.55 -11.84 -25.61
CA GLN A 288 23.72 -10.97 -25.75
C GLN A 288 23.31 -9.55 -26.19
N VAL A 289 24.26 -8.59 -26.20
CA VAL A 289 24.02 -7.20 -26.65
C VAL A 289 23.82 -7.20 -28.18
N ASP A 290 24.59 -8.06 -28.87
CA ASP A 290 24.52 -8.27 -30.31
C ASP A 290 23.18 -8.93 -30.68
N THR A 291 22.59 -9.72 -29.74
CA THR A 291 21.30 -10.40 -29.90
C THR A 291 20.19 -9.38 -30.12
N PHE A 292 20.12 -8.38 -29.23
CA PHE A 292 19.14 -7.30 -29.24
C PHE A 292 19.19 -6.45 -30.52
N SER A 293 20.39 -6.03 -30.94
CA SER A 293 20.59 -5.21 -32.14
C SER A 293 20.28 -5.99 -33.43
N ARG A 294 20.39 -7.33 -33.36
CA ARG A 294 20.09 -8.22 -34.47
C ARG A 294 18.58 -8.40 -34.57
N TRP A 295 17.87 -8.53 -33.42
CA TRP A 295 16.41 -8.64 -33.33
C TRP A 295 15.78 -7.44 -34.01
N LYS A 296 16.34 -6.23 -33.77
CA LYS A 296 15.86 -4.98 -34.37
C LYS A 296 15.94 -5.03 -35.91
N THR A 297 17.00 -5.67 -36.48
CA THR A 297 17.16 -5.82 -37.93
C THR A 297 16.16 -6.82 -38.54
N LEU A 298 15.46 -7.61 -37.68
CA LEU A 298 14.49 -8.63 -38.10
C LEU A 298 13.05 -8.15 -38.01
N LEU A 299 12.83 -6.95 -37.47
CA LEU A 299 11.50 -6.38 -37.26
C LEU A 299 10.97 -5.56 -38.45
N SER A 300 9.64 -5.55 -38.60
CA SER A 300 8.92 -4.74 -39.57
C SER A 300 7.53 -4.43 -39.01
N ARG A 301 6.93 -3.30 -39.46
CA ARG A 301 5.61 -2.82 -39.06
C ARG A 301 4.57 -3.62 -39.85
N ARG A 302 3.76 -4.44 -39.15
CA ARG A 302 2.72 -5.27 -39.77
C ARG A 302 1.43 -5.27 -38.96
N VAL A 303 0.31 -5.62 -39.61
CA VAL A 303 -1.01 -5.77 -38.99
C VAL A 303 -0.99 -7.13 -38.27
N VAL A 304 -1.06 -7.10 -36.94
CA VAL A 304 -0.99 -8.29 -36.11
C VAL A 304 -2.14 -8.34 -35.11
N CYS A 305 -2.76 -9.52 -34.94
CA CYS A 305 -3.77 -9.70 -33.89
CA CYS A 305 -3.76 -9.70 -33.89
C CYS A 305 -2.96 -10.18 -32.67
N VAL A 306 -2.90 -9.37 -31.61
CA VAL A 306 -2.08 -9.69 -30.45
C VAL A 306 -2.88 -10.16 -29.23
N SER A 307 -2.30 -11.10 -28.46
CA SER A 307 -2.83 -11.67 -27.23
C SER A 307 -1.69 -11.66 -26.21
N VAL A 308 -1.82 -10.79 -25.20
CA VAL A 308 -0.80 -10.55 -24.17
C VAL A 308 -1.41 -10.66 -22.77
N PRO A 309 -0.82 -11.44 -21.84
CA PRO A 309 -1.40 -11.53 -20.49
C PRO A 309 -1.24 -10.21 -19.74
N ARG A 310 -2.22 -9.92 -18.86
CA ARG A 310 -2.17 -8.80 -17.94
C ARG A 310 -1.11 -9.21 -16.89
N LEU A 311 -0.43 -8.24 -16.28
CA LEU A 311 0.62 -8.50 -15.28
C LEU A 311 0.58 -7.59 -14.09
N HIS A 312 1.01 -8.13 -12.95
CA HIS A 312 1.34 -7.42 -11.74
C HIS A 312 2.56 -8.14 -11.19
N MET A 313 3.73 -7.79 -11.76
CA MET A 313 5.03 -8.37 -11.44
C MET A 313 5.77 -7.65 -10.33
N THR A 314 6.39 -8.43 -9.45
CA THR A 314 7.31 -7.99 -8.40
C THR A 314 8.48 -8.96 -8.38
N GLY A 315 9.65 -8.45 -8.10
CA GLY A 315 10.85 -9.24 -7.97
C GLY A 315 11.67 -8.65 -6.84
N THR A 316 12.05 -9.49 -5.86
CA THR A 316 12.88 -9.11 -4.72
C THR A 316 14.19 -9.91 -4.75
N PHE A 317 15.31 -9.20 -4.65
CA PHE A 317 16.63 -9.84 -4.69
C PHE A 317 17.52 -9.39 -3.59
N ASP A 318 18.21 -10.35 -2.99
CA ASP A 318 19.29 -10.12 -2.03
C ASP A 318 20.48 -9.75 -2.97
N LEU A 319 20.90 -8.49 -2.97
CA LEU A 319 21.99 -8.06 -3.86
C LEU A 319 23.37 -8.63 -3.51
N LYS A 320 23.60 -9.11 -2.28
CA LYS A 320 24.87 -9.72 -1.90
C LYS A 320 25.05 -11.03 -2.72
N LYS A 321 24.02 -11.87 -2.74
CA LYS A 321 23.96 -13.12 -3.51
C LYS A 321 23.91 -12.81 -5.01
N THR A 322 23.10 -11.83 -5.44
CA THR A 322 22.98 -11.48 -6.86
C THR A 322 24.30 -10.98 -7.44
N LEU A 323 25.01 -10.11 -6.70
CA LEU A 323 26.26 -9.53 -7.17
C LEU A 323 27.41 -10.51 -7.17
N SER A 324 27.24 -11.73 -6.59
CA SER A 324 28.26 -12.78 -6.65
C SER A 324 28.42 -13.25 -8.13
N TYR A 325 27.34 -13.15 -8.93
CA TYR A 325 27.33 -13.51 -10.35
C TYR A 325 28.21 -12.61 -11.21
N ILE A 326 28.42 -11.35 -10.81
CA ILE A 326 29.29 -10.42 -11.56
C ILE A 326 30.60 -10.14 -10.79
N GLY A 327 30.95 -11.01 -9.83
CA GLY A 327 32.17 -10.93 -9.03
C GLY A 327 32.30 -9.68 -8.17
N VAL A 328 31.21 -9.19 -7.57
CA VAL A 328 31.27 -7.99 -6.70
C VAL A 328 30.92 -8.38 -5.26
N SER A 329 31.88 -8.20 -4.31
CA SER A 329 31.63 -8.56 -2.91
C SER A 329 32.32 -7.68 -1.88
N LYS A 330 33.40 -6.96 -2.25
CA LYS A 330 34.16 -6.10 -1.31
C LYS A 330 33.29 -5.01 -0.64
N ILE A 331 32.31 -4.45 -1.37
CA ILE A 331 31.33 -3.47 -0.87
C ILE A 331 30.55 -4.01 0.38
N PHE A 332 30.44 -5.35 0.48
CA PHE A 332 29.77 -6.10 1.55
C PHE A 332 30.74 -6.64 2.60
N GLU A 333 32.01 -6.21 2.53
CA GLU A 333 33.04 -6.65 3.46
C GLU A 333 33.69 -5.44 4.05
N GLU A 334 34.29 -5.62 5.23
CA GLU A 334 35.02 -4.59 5.95
C GLU A 334 36.42 -4.42 5.35
N HIS A 335 36.70 -3.21 4.78
N HIS A 335 36.67 -3.19 4.95
CA HIS A 335 37.98 -2.93 4.12
CA HIS A 335 37.92 -2.65 4.47
C HIS A 335 38.59 -1.52 4.33
C HIS A 335 37.84 -1.23 5.05
N GLY A 336 37.89 -0.63 5.03
N GLY A 336 38.81 -0.40 4.73
CA GLY A 336 38.33 0.74 5.26
CA GLY A 336 38.77 1.00 5.10
C GLY A 336 38.21 1.64 4.04
C GLY A 336 38.40 1.74 3.84
N ASP A 337 37.41 1.21 3.06
CA ASP A 337 37.10 1.83 1.76
C ASP A 337 35.85 2.74 1.74
N LEU A 338 35.08 2.81 2.84
CA LEU A 338 33.83 3.60 2.88
C LEU A 338 33.85 4.80 3.85
N THR A 339 35.04 5.35 4.17
CA THR A 339 35.17 6.51 5.07
C THR A 339 34.47 7.77 4.50
N LYS A 340 34.35 7.91 3.16
CA LYS A 340 33.66 9.04 2.53
C LYS A 340 32.17 9.05 2.89
N ILE A 341 31.59 7.86 3.22
CA ILE A 341 30.20 7.73 3.65
C ILE A 341 30.10 8.12 5.14
N ALA A 342 30.80 7.38 6.01
CA ALA A 342 30.88 7.61 7.47
C ALA A 342 32.25 7.16 7.95
N PRO A 343 32.89 7.89 8.90
CA PRO A 343 34.27 7.56 9.33
C PRO A 343 34.55 6.22 10.03
N HIS A 344 33.56 5.45 10.46
CA HIS A 344 33.80 4.17 11.14
C HIS A 344 34.62 3.11 10.36
N ARG A 345 35.81 2.73 10.88
CA ARG A 345 36.76 1.73 10.33
C ARG A 345 36.15 0.43 9.75
N SER A 346 35.28 -0.24 10.52
CA SER A 346 34.66 -1.53 10.18
C SER A 346 33.48 -1.46 9.18
N LEU A 347 33.16 -0.25 8.67
CA LEU A 347 32.02 0.02 7.79
C LEU A 347 32.03 -0.76 6.48
N LYS A 348 30.88 -1.35 6.19
CA LYS A 348 30.59 -2.09 4.99
C LYS A 348 29.11 -1.97 4.73
N VAL A 349 28.68 -2.36 3.52
CA VAL A 349 27.25 -2.43 3.29
C VAL A 349 26.85 -3.82 3.89
N GLY A 350 26.11 -3.79 4.99
CA GLY A 350 25.72 -5.00 5.69
C GLY A 350 24.73 -5.84 4.92
N GLU A 351 23.78 -5.15 4.26
CA GLU A 351 22.68 -5.75 3.53
C GLU A 351 22.22 -4.84 2.40
N ALA A 352 21.82 -5.44 1.26
CA ALA A 352 21.38 -4.72 0.07
C ALA A 352 20.28 -5.52 -0.64
N VAL A 353 19.16 -4.84 -0.90
CA VAL A 353 18.00 -5.47 -1.51
C VAL A 353 17.49 -4.65 -2.68
N HIS A 354 17.15 -5.38 -3.78
CA HIS A 354 16.52 -4.81 -4.96
C HIS A 354 15.07 -5.26 -5.04
N LYS A 355 14.15 -4.33 -5.33
CA LYS A 355 12.76 -4.65 -5.61
C LYS A 355 12.25 -3.93 -6.89
N ALA A 356 11.77 -4.70 -7.88
CA ALA A 356 11.20 -4.21 -9.14
C ALA A 356 9.70 -4.50 -9.13
N GLU A 357 8.89 -3.52 -9.52
CA GLU A 357 7.44 -3.70 -9.51
C GLU A 357 6.85 -3.07 -10.76
N LEU A 358 5.95 -3.80 -11.41
CA LEU A 358 5.32 -3.35 -12.65
C LEU A 358 3.91 -3.89 -12.75
N LYS A 359 3.05 -3.10 -13.40
CA LYS A 359 1.67 -3.46 -13.72
C LYS A 359 1.55 -3.29 -15.24
N MET A 360 0.96 -4.29 -15.88
CA MET A 360 0.68 -4.29 -17.31
C MET A 360 -0.82 -4.60 -17.44
N ASP A 361 -1.61 -3.62 -17.89
CA ASP A 361 -3.05 -3.81 -18.11
C ASP A 361 -3.49 -3.08 -19.41
N GLU A 362 -4.79 -2.79 -19.58
CA GLU A 362 -5.38 -2.18 -20.80
C GLU A 362 -5.11 -0.70 -21.00
N ARG A 363 -4.84 0.06 -19.90
CA ARG A 363 -4.65 1.52 -19.90
C ARG A 363 -3.73 2.02 -21.02
N GLY A 364 -4.24 2.97 -21.77
CA GLY A 364 -3.53 3.60 -22.88
C GLY A 364 -4.21 4.87 -23.34
N THR A 365 -3.67 5.49 -24.41
CA THR A 365 -4.19 6.71 -25.04
C THR A 365 -5.49 6.41 -25.79
N GLU A 366 -6.45 7.37 -25.77
CA GLU A 366 -7.77 7.34 -26.41
C GLU A 366 -8.67 6.25 -25.86
N THR A 380 -6.17 -10.25 -40.59
CA THR A 380 -4.75 -10.00 -40.34
C THR A 380 -3.86 -11.09 -40.99
N PRO A 381 -2.68 -10.73 -41.56
CA PRO A 381 -1.80 -11.77 -42.12
C PRO A 381 -0.95 -12.46 -41.04
N LEU A 382 -0.87 -11.87 -39.83
CA LEU A 382 -0.07 -12.35 -38.71
C LEU A 382 -0.78 -12.24 -37.37
N CYS A 383 -0.47 -13.17 -36.45
CA CYS A 383 -1.00 -13.28 -35.08
CA CYS A 383 -0.97 -13.15 -35.08
C CYS A 383 0.12 -13.63 -34.11
N VAL A 384 0.19 -12.95 -32.96
CA VAL A 384 1.18 -13.23 -31.93
C VAL A 384 0.46 -13.43 -30.61
N LYS A 385 0.34 -14.71 -30.20
CA LYS A 385 -0.31 -15.14 -28.96
C LYS A 385 0.74 -15.51 -27.85
N ILE A 386 0.78 -14.69 -26.79
CA ILE A 386 1.69 -14.92 -25.67
C ILE A 386 0.98 -15.81 -24.61
N ASP A 387 0.98 -17.13 -24.87
CA ASP A 387 0.30 -18.13 -24.03
C ASP A 387 1.22 -19.22 -23.48
N LYS A 388 2.53 -18.99 -23.47
CA LYS A 388 3.56 -19.91 -22.97
C LYS A 388 4.75 -19.11 -22.38
N PRO A 389 5.67 -19.72 -21.56
CA PRO A 389 6.77 -18.91 -20.96
C PRO A 389 7.47 -17.98 -21.94
N TYR A 390 7.66 -16.73 -21.52
CA TYR A 390 8.25 -15.72 -22.39
C TYR A 390 9.17 -14.77 -21.64
N LEU A 391 9.95 -14.00 -22.40
CA LEU A 391 10.82 -12.98 -21.84
C LEU A 391 10.21 -11.61 -22.16
N LEU A 392 10.28 -10.70 -21.18
CA LEU A 392 9.75 -9.35 -21.29
C LEU A 392 10.85 -8.34 -21.00
N LEU A 393 11.07 -7.44 -21.95
CA LEU A 393 12.02 -6.35 -21.84
C LEU A 393 11.23 -5.04 -21.93
N ILE A 394 11.34 -4.19 -20.89
CA ILE A 394 10.76 -2.84 -20.91
C ILE A 394 11.92 -1.96 -21.32
N TYR A 395 11.83 -1.41 -22.54
CA TYR A 395 12.92 -0.66 -23.14
C TYR A 395 12.63 0.79 -23.40
N SER A 396 13.41 1.66 -22.80
CA SER A 396 13.33 3.09 -22.99
C SER A 396 14.10 3.38 -24.28
N GLU A 397 13.41 3.94 -25.28
CA GLU A 397 13.98 4.26 -26.59
C GLU A 397 14.83 5.53 -26.58
N LYS A 398 14.36 6.59 -25.90
CA LYS A 398 15.06 7.88 -25.83
C LYS A 398 16.47 7.82 -25.20
N ILE A 399 16.70 6.92 -24.22
CA ILE A 399 18.00 6.81 -23.53
C ILE A 399 19.10 6.20 -24.45
N PRO A 400 19.08 4.94 -24.92
CA PRO A 400 18.09 3.86 -24.76
C PRO A 400 18.46 2.86 -23.65
N SER A 401 17.59 2.70 -22.63
CA SER A 401 17.87 1.84 -21.48
C SER A 401 16.90 0.66 -21.30
N VAL A 402 17.37 -0.41 -20.63
CA VAL A 402 16.56 -1.58 -20.25
C VAL A 402 16.08 -1.28 -18.84
N LEU A 403 14.81 -0.90 -18.71
CA LEU A 403 14.19 -0.56 -17.44
C LEU A 403 13.86 -1.83 -16.67
N PHE A 404 13.30 -2.86 -17.34
CA PHE A 404 12.95 -4.12 -16.70
C PHE A 404 13.24 -5.26 -17.61
N LEU A 405 13.62 -6.37 -16.99
CA LEU A 405 13.91 -7.62 -17.65
C LEU A 405 13.20 -8.68 -16.86
N GLY A 406 12.34 -9.41 -17.55
CA GLY A 406 11.53 -10.45 -16.92
C GLY A 406 11.49 -11.76 -17.65
N LYS A 407 11.55 -12.85 -16.90
CA LYS A 407 11.34 -14.21 -17.41
C LYS A 407 9.99 -14.58 -16.77
N ILE A 408 8.94 -14.67 -17.60
CA ILE A 408 7.59 -14.97 -17.13
C ILE A 408 7.21 -16.41 -17.49
N VAL A 409 7.29 -17.30 -16.50
CA VAL A 409 6.92 -18.72 -16.63
C VAL A 409 5.42 -18.89 -16.29
N ASN A 410 4.86 -17.92 -15.53
CA ASN A 410 3.48 -17.92 -15.06
C ASN A 410 3.06 -16.48 -14.79
N PRO A 411 2.14 -15.89 -15.60
CA PRO A 411 1.72 -14.50 -15.38
C PRO A 411 0.91 -14.26 -14.11
N ILE A 412 0.38 -15.31 -13.48
CA ILE A 412 -0.43 -15.16 -12.26
C ILE A 412 0.28 -15.77 -11.03
N GLY A 413 1.47 -16.33 -11.25
CA GLY A 413 2.32 -16.91 -10.22
C GLY A 413 3.25 -15.89 -9.59
N LYS A 414 3.96 -16.31 -8.51
CA LYS A 414 4.92 -15.48 -7.75
C LYS A 414 6.21 -15.23 -8.56
N SER B 34 -37.07 8.08 -8.54
CA SER B 34 -36.00 7.42 -7.80
C SER B 34 -35.82 7.97 -6.38
N GLU B 35 -36.06 9.30 -6.17
CA GLU B 35 -35.96 9.94 -4.85
C GLU B 35 -36.93 9.26 -3.88
N VAL B 36 -38.20 9.10 -4.31
CA VAL B 36 -39.26 8.43 -3.55
C VAL B 36 -38.95 6.92 -3.46
N GLN B 37 -38.41 6.32 -4.56
CA GLN B 37 -38.05 4.89 -4.60
C GLN B 37 -36.97 4.54 -3.59
N GLY B 38 -36.13 5.52 -3.26
CA GLY B 38 -35.07 5.36 -2.27
C GLY B 38 -35.50 5.58 -0.83
N TRP B 39 -36.83 5.69 -0.56
CA TRP B 39 -37.41 5.91 0.77
C TRP B 39 -36.93 4.85 1.78
N LYS B 40 -37.02 3.56 1.41
CA LYS B 40 -36.66 2.42 2.27
C LYS B 40 -35.19 2.41 2.66
N GLN B 41 -34.25 2.67 1.69
CA GLN B 41 -32.79 2.75 1.92
C GLN B 41 -32.52 3.79 3.00
N ARG B 42 -33.10 5.01 2.84
CA ARG B 42 -32.95 6.12 3.77
C ARG B 42 -33.51 5.80 5.15
N MET B 43 -34.63 5.04 5.23
CA MET B 43 -35.19 4.64 6.52
C MET B 43 -34.32 3.59 7.21
N ALA B 44 -33.80 2.60 6.44
CA ALA B 44 -32.91 1.56 6.95
C ALA B 44 -31.63 2.18 7.50
N ALA B 45 -31.05 3.16 6.77
CA ALA B 45 -29.87 3.95 7.15
C ALA B 45 -30.10 4.73 8.45
N LYS B 46 -31.27 5.36 8.61
CA LYS B 46 -31.62 6.10 9.83
C LYS B 46 -31.67 5.17 11.05
N GLU B 47 -32.20 3.95 10.88
CA GLU B 47 -32.27 2.96 11.95
C GLU B 47 -30.86 2.46 12.29
N LEU B 48 -30.05 2.19 11.26
CA LEU B 48 -28.68 1.71 11.40
C LEU B 48 -27.80 2.71 12.11
N ALA B 49 -28.01 4.02 11.86
CA ALA B 49 -27.27 5.11 12.51
C ALA B 49 -27.54 5.12 14.02
N ARG B 50 -28.81 4.93 14.40
CA ARG B 50 -29.28 4.85 15.78
C ARG B 50 -28.64 3.62 16.45
N GLN B 51 -28.55 2.52 15.72
CA GLN B 51 -27.93 1.29 16.20
C GLN B 51 -26.39 1.37 16.32
N ASN B 52 -25.68 2.15 15.47
CA ASN B 52 -24.22 2.26 15.63
C ASN B 52 -23.87 3.23 16.74
N MET B 53 -24.82 4.08 17.14
CA MET B 53 -24.67 5.00 18.26
C MET B 53 -24.58 4.17 19.55
N ASP B 54 -25.49 3.17 19.68
CA ASP B 54 -25.56 2.27 20.84
C ASP B 54 -24.38 1.33 20.92
N LEU B 55 -23.94 0.78 19.76
CA LEU B 55 -22.78 -0.11 19.72
C LEU B 55 -21.53 0.66 20.15
N GLY B 56 -21.37 1.88 19.61
CA GLY B 56 -20.29 2.80 19.91
C GLY B 56 -20.16 3.08 21.39
N PHE B 57 -21.28 3.42 22.05
CA PHE B 57 -21.26 3.67 23.49
C PHE B 57 -20.99 2.40 24.31
N LYS B 58 -21.51 1.22 23.87
CA LYS B 58 -21.31 -0.08 24.53
C LYS B 58 -19.84 -0.43 24.51
N LEU B 59 -19.20 -0.31 23.32
CA LEU B 59 -17.79 -0.60 23.10
C LEU B 59 -16.90 0.36 23.88
N LEU B 60 -17.19 1.68 23.82
CA LEU B 60 -16.41 2.70 24.53
C LEU B 60 -16.38 2.45 26.04
N LYS B 61 -17.55 2.12 26.64
CA LYS B 61 -17.72 1.80 28.06
C LYS B 61 -16.86 0.60 28.47
N LYS B 62 -16.92 -0.51 27.70
CA LYS B 62 -16.14 -1.72 27.97
C LYS B 62 -14.64 -1.46 27.76
N LEU B 63 -14.25 -0.80 26.64
CA LEU B 63 -12.86 -0.48 26.35
C LEU B 63 -12.22 0.46 27.38
N ALA B 64 -13.01 1.40 27.94
CA ALA B 64 -12.54 2.32 28.97
C ALA B 64 -12.23 1.58 30.28
N PHE B 65 -13.02 0.53 30.58
CA PHE B 65 -12.88 -0.31 31.76
C PHE B 65 -11.65 -1.23 31.67
N TYR B 66 -11.51 -1.96 30.54
CA TYR B 66 -10.39 -2.90 30.33
C TYR B 66 -9.06 -2.22 29.98
N ASN B 67 -9.11 -0.96 29.50
CA ASN B 67 -7.94 -0.15 29.16
C ASN B 67 -8.07 1.25 29.79
N PRO B 68 -7.83 1.39 31.12
CA PRO B 68 -7.97 2.72 31.75
C PRO B 68 -6.77 3.64 31.53
N GLY B 69 -7.03 4.95 31.55
CA GLY B 69 -6.02 5.99 31.37
C GLY B 69 -5.33 5.98 30.02
N ARG B 70 -6.02 5.47 28.98
CA ARG B 70 -5.49 5.38 27.62
C ARG B 70 -6.52 5.91 26.61
N ASN B 71 -6.03 6.42 25.46
CA ASN B 71 -6.87 6.92 24.39
C ASN B 71 -7.56 5.76 23.69
N ILE B 72 -8.89 5.88 23.52
CA ILE B 72 -9.71 4.89 22.83
C ILE B 72 -10.31 5.64 21.64
N PHE B 73 -10.00 5.22 20.43
CA PHE B 73 -10.52 5.88 19.24
C PHE B 73 -10.84 4.86 18.16
N LEU B 74 -12.14 4.67 17.89
CA LEU B 74 -12.61 3.71 16.88
C LEU B 74 -13.74 4.28 16.04
N SER B 75 -14.17 3.50 15.03
CA SER B 75 -15.32 3.84 14.21
C SER B 75 -16.43 2.81 14.44
N PRO B 76 -17.50 3.19 15.17
CA PRO B 76 -18.64 2.27 15.34
C PRO B 76 -19.24 1.81 14.00
N LEU B 77 -19.34 2.75 13.01
CA LEU B 77 -19.88 2.47 11.68
C LEU B 77 -19.02 1.47 10.89
N SER B 78 -17.69 1.67 10.86
CA SER B 78 -16.76 0.80 10.13
C SER B 78 -16.81 -0.61 10.69
N ILE B 79 -16.74 -0.77 12.04
CA ILE B 79 -16.83 -2.10 12.69
C ILE B 79 -18.15 -2.79 12.32
N SER B 80 -19.27 -2.03 12.32
CA SER B 80 -20.59 -2.52 11.97
C SER B 80 -20.70 -3.01 10.53
N THR B 81 -20.07 -2.30 9.55
CA THR B 81 -20.10 -2.68 8.13
C THR B 81 -19.40 -4.02 7.96
N ALA B 82 -18.31 -4.23 8.72
CA ALA B 82 -17.51 -5.45 8.69
C ALA B 82 -18.33 -6.65 9.13
N PHE B 83 -19.09 -6.52 10.23
CA PHE B 83 -19.83 -7.65 10.77
C PHE B 83 -21.20 -7.80 10.10
N SER B 84 -21.71 -6.73 9.46
CA SER B 84 -22.93 -6.83 8.69
C SER B 84 -22.57 -7.51 7.37
N MET B 85 -21.37 -7.24 6.81
CA MET B 85 -20.91 -7.89 5.59
C MET B 85 -20.78 -9.42 5.87
N LEU B 86 -20.28 -9.81 7.07
CA LEU B 86 -20.11 -11.20 7.47
C LEU B 86 -21.44 -11.94 7.59
N CYS B 87 -22.54 -11.20 7.89
CA CYS B 87 -23.90 -11.74 7.97
C CYS B 87 -24.37 -12.33 6.63
N LEU B 88 -23.76 -11.89 5.50
CA LEU B 88 -24.06 -12.44 4.16
C LEU B 88 -23.69 -13.92 4.08
N GLY B 89 -22.64 -14.31 4.81
CA GLY B 89 -22.15 -15.68 4.84
C GLY B 89 -22.40 -16.42 6.15
N ALA B 90 -23.13 -15.80 7.09
CA ALA B 90 -23.39 -16.47 8.37
C ALA B 90 -24.82 -16.98 8.53
N GLN B 91 -24.93 -18.11 9.24
CA GLN B 91 -26.18 -18.80 9.55
C GLN B 91 -26.28 -19.13 11.03
N ASP B 92 -27.51 -19.46 11.45
CA ASP B 92 -27.92 -19.94 12.78
C ASP B 92 -27.38 -19.10 13.95
N SER B 93 -26.80 -19.75 14.96
CA SER B 93 -26.36 -19.13 16.21
C SER B 93 -25.31 -18.02 16.02
N THR B 94 -24.35 -18.20 15.07
CA THR B 94 -23.33 -17.20 14.75
C THR B 94 -23.98 -15.95 14.21
N LEU B 95 -24.92 -16.11 13.25
CA LEU B 95 -25.69 -15.01 12.67
C LEU B 95 -26.55 -14.34 13.74
N ASP B 96 -27.25 -15.14 14.56
CA ASP B 96 -28.12 -14.65 15.63
C ASP B 96 -27.36 -13.81 16.63
N GLU B 97 -26.15 -14.26 17.02
CA GLU B 97 -25.28 -13.57 17.97
C GLU B 97 -24.75 -12.22 17.44
N ILE B 98 -24.30 -12.16 16.17
CA ILE B 98 -23.83 -10.89 15.56
C ILE B 98 -24.98 -9.86 15.59
N LYS B 99 -26.18 -10.28 15.13
CA LYS B 99 -27.38 -9.43 15.10
C LYS B 99 -27.78 -8.93 16.50
N GLN B 100 -27.65 -9.80 17.52
CA GLN B 100 -27.96 -9.46 18.91
C GLN B 100 -26.95 -8.43 19.46
N GLY B 101 -25.67 -8.69 19.23
CA GLY B 101 -24.56 -7.86 19.69
C GLY B 101 -24.47 -6.51 19.02
N PHE B 102 -24.68 -6.48 17.71
CA PHE B 102 -24.60 -5.26 16.91
C PHE B 102 -25.94 -4.52 16.78
N ASN B 103 -27.01 -5.01 17.44
CA ASN B 103 -28.35 -4.42 17.40
C ASN B 103 -28.96 -4.42 15.97
N PHE B 104 -28.66 -5.48 15.18
CA PHE B 104 -29.18 -5.65 13.82
C PHE B 104 -30.49 -6.46 13.81
N ARG B 105 -30.83 -7.12 14.93
CA ARG B 105 -31.98 -8.03 15.06
C ARG B 105 -33.36 -7.43 14.73
N LYS B 106 -33.57 -6.12 14.92
CA LYS B 106 -34.89 -5.54 14.60
C LYS B 106 -35.22 -5.50 13.10
N MET B 107 -34.22 -5.58 12.19
CA MET B 107 -34.60 -5.50 10.78
C MET B 107 -34.15 -6.71 9.92
N PRO B 108 -34.97 -7.07 8.90
CA PRO B 108 -34.59 -8.19 8.00
C PRO B 108 -33.23 -7.99 7.34
N GLU B 109 -32.59 -9.10 6.95
CA GLU B 109 -31.26 -9.12 6.34
C GLU B 109 -31.19 -8.27 5.07
N LYS B 110 -32.19 -8.40 4.17
CA LYS B 110 -32.32 -7.65 2.92
C LYS B 110 -32.19 -6.13 3.20
N ASP B 111 -32.92 -5.64 4.22
CA ASP B 111 -32.94 -4.24 4.64
C ASP B 111 -31.64 -3.78 5.24
N LEU B 112 -31.01 -4.67 6.03
CA LEU B 112 -29.72 -4.45 6.67
C LEU B 112 -28.65 -4.21 5.59
N HIS B 113 -28.59 -5.10 4.61
CA HIS B 113 -27.63 -5.04 3.51
C HIS B 113 -27.88 -3.85 2.58
N GLU B 114 -29.14 -3.50 2.31
CA GLU B 114 -29.47 -2.34 1.47
C GLU B 114 -29.16 -1.02 2.19
N GLY B 115 -29.39 -0.99 3.51
CA GLY B 115 -29.10 0.16 4.37
C GLY B 115 -27.62 0.47 4.40
N PHE B 116 -26.76 -0.56 4.65
CA PHE B 116 -25.31 -0.36 4.67
C PHE B 116 -24.77 -0.04 3.29
N HIS B 117 -25.37 -0.60 2.22
CA HIS B 117 -24.95 -0.30 0.86
C HIS B 117 -25.11 1.20 0.58
N TYR B 118 -26.28 1.74 0.94
CA TYR B 118 -26.61 3.15 0.77
C TYR B 118 -25.67 4.02 1.60
N ILE B 119 -25.44 3.67 2.89
CA ILE B 119 -24.54 4.41 3.78
C ILE B 119 -23.11 4.48 3.17
N ILE B 120 -22.54 3.31 2.81
CA ILE B 120 -21.21 3.20 2.22
C ILE B 120 -21.11 3.99 0.91
N HIS B 121 -22.04 3.78 -0.03
CA HIS B 121 -22.04 4.45 -1.34
C HIS B 121 -22.14 5.96 -1.22
N GLU B 122 -22.98 6.46 -0.30
CA GLU B 122 -23.17 7.90 -0.15
C GLU B 122 -22.05 8.61 0.61
N LEU B 123 -21.46 7.96 1.63
CA LEU B 123 -20.41 8.55 2.45
C LEU B 123 -19.03 8.53 1.81
N THR B 124 -18.72 7.49 1.02
CA THR B 124 -17.39 7.35 0.46
C THR B 124 -17.20 8.30 -0.72
N GLN B 125 -16.20 9.18 -0.55
CA GLN B 125 -15.82 10.28 -1.41
C GLN B 125 -14.30 10.55 -1.30
N LYS B 126 -13.72 11.21 -2.31
CA LYS B 126 -12.31 11.60 -2.34
C LYS B 126 -12.23 12.97 -3.01
N THR B 127 -12.52 14.02 -2.21
CA THR B 127 -12.53 15.42 -2.66
C THR B 127 -11.69 16.32 -1.73
N GLN B 128 -11.64 17.64 -2.04
CA GLN B 128 -10.91 18.64 -1.24
C GLN B 128 -11.62 18.87 0.11
N ASP B 129 -12.96 18.78 0.12
CA ASP B 129 -13.80 18.95 1.31
C ASP B 129 -13.95 17.66 2.14
N LEU B 130 -13.90 16.47 1.49
CA LEU B 130 -14.06 15.20 2.18
C LEU B 130 -13.41 14.00 1.48
N LYS B 131 -12.50 13.33 2.20
CA LYS B 131 -11.84 12.11 1.78
C LYS B 131 -12.26 11.08 2.83
N LEU B 132 -13.24 10.23 2.48
CA LEU B 132 -13.78 9.21 3.37
C LEU B 132 -13.81 7.86 2.66
N SER B 133 -13.15 6.87 3.26
CA SER B 133 -13.13 5.50 2.72
C SER B 133 -13.26 4.45 3.81
N ILE B 134 -14.04 3.41 3.53
CA ILE B 134 -14.25 2.28 4.43
C ILE B 134 -13.76 1.04 3.69
N GLY B 135 -12.72 0.43 4.24
CA GLY B 135 -12.14 -0.79 3.69
C GLY B 135 -12.53 -2.02 4.48
N ASN B 136 -13.04 -3.03 3.78
CA ASN B 136 -13.41 -4.33 4.34
C ASN B 136 -12.80 -5.38 3.44
N THR B 137 -11.77 -6.09 3.93
CA THR B 137 -11.08 -7.13 3.17
C THR B 137 -11.09 -8.43 3.95
N LEU B 138 -11.59 -9.48 3.31
CA LEU B 138 -11.65 -10.80 3.90
C LEU B 138 -10.63 -11.66 3.18
N PHE B 139 -9.59 -12.07 3.91
CA PHE B 139 -8.53 -12.91 3.38
C PHE B 139 -8.85 -14.34 3.71
N ILE B 140 -8.89 -15.21 2.72
CA ILE B 140 -9.27 -16.62 2.95
C ILE B 140 -8.22 -17.53 2.33
N ASP B 141 -7.93 -18.69 2.98
CA ASP B 141 -6.99 -19.67 2.44
C ASP B 141 -7.41 -20.04 1.02
N GLN B 142 -6.47 -19.95 0.10
CA GLN B 142 -6.66 -20.19 -1.34
C GLN B 142 -7.16 -21.60 -1.72
N ARG B 143 -7.15 -22.57 -0.79
CA ARG B 143 -7.60 -23.95 -1.01
C ARG B 143 -9.06 -24.15 -0.60
N LEU B 144 -9.65 -23.16 0.11
CA LEU B 144 -10.99 -23.29 0.67
C LEU B 144 -12.15 -23.09 -0.30
N GLN B 145 -11.88 -22.57 -1.53
CA GLN B 145 -12.88 -22.34 -2.58
C GLN B 145 -14.08 -21.45 -2.11
N PRO B 146 -13.91 -20.12 -1.92
CA PRO B 146 -15.07 -19.30 -1.51
C PRO B 146 -16.25 -19.32 -2.48
N GLN B 147 -17.48 -19.21 -1.97
CA GLN B 147 -18.71 -19.24 -2.76
C GLN B 147 -18.96 -17.95 -3.56
N ARG B 148 -19.38 -18.12 -4.84
CA ARG B 148 -19.70 -17.04 -5.78
C ARG B 148 -20.74 -16.04 -5.24
N LYS B 149 -21.90 -16.53 -4.75
CA LYS B 149 -22.96 -15.67 -4.20
C LYS B 149 -22.44 -14.68 -3.12
N PHE B 150 -21.79 -15.21 -2.05
CA PHE B 150 -21.21 -14.40 -0.96
C PHE B 150 -20.15 -13.42 -1.52
N LEU B 151 -19.25 -13.93 -2.38
CA LEU B 151 -18.19 -13.18 -3.06
C LEU B 151 -18.79 -11.97 -3.76
N GLU B 152 -19.81 -12.21 -4.60
CA GLU B 152 -20.53 -11.20 -5.37
C GLU B 152 -21.30 -10.22 -4.49
N ASP B 153 -22.01 -10.73 -3.46
CA ASP B 153 -22.79 -9.89 -2.53
C ASP B 153 -21.93 -9.01 -1.63
N ALA B 154 -20.78 -9.52 -1.17
CA ALA B 154 -19.85 -8.75 -0.32
C ALA B 154 -19.27 -7.59 -1.12
N LYS B 155 -18.94 -7.83 -2.39
CA LYS B 155 -18.42 -6.84 -3.31
C LYS B 155 -19.51 -5.81 -3.68
N ASN B 156 -20.70 -6.28 -4.08
CA ASN B 156 -21.80 -5.42 -4.55
C ASN B 156 -22.46 -4.58 -3.44
N PHE B 157 -22.65 -5.17 -2.23
CA PHE B 157 -23.26 -4.42 -1.13
C PHE B 157 -22.26 -3.64 -0.28
N TYR B 158 -21.03 -4.17 -0.10
CA TYR B 158 -20.07 -3.52 0.80
C TYR B 158 -18.79 -3.02 0.17
N SER B 159 -18.52 -3.32 -1.12
CA SER B 159 -17.23 -3.04 -1.80
C SER B 159 -16.11 -3.80 -1.04
N ALA B 160 -16.47 -4.97 -0.48
CA ALA B 160 -15.58 -5.83 0.29
C ALA B 160 -14.94 -6.85 -0.64
N GLU B 161 -13.60 -6.94 -0.63
CA GLU B 161 -12.90 -7.90 -1.48
C GLU B 161 -12.69 -9.19 -0.69
N THR B 162 -12.70 -10.32 -1.39
CA THR B 162 -12.35 -11.62 -0.83
C THR B 162 -11.06 -12.03 -1.54
N ILE B 163 -9.96 -12.07 -0.78
CA ILE B 163 -8.63 -12.34 -1.33
C ILE B 163 -8.11 -13.72 -0.95
N LEU B 164 -7.70 -14.49 -1.98
CA LEU B 164 -7.10 -15.82 -1.79
C LEU B 164 -5.71 -15.62 -1.23
N THR B 165 -5.49 -16.15 -0.03
CA THR B 165 -4.28 -15.98 0.74
C THR B 165 -3.61 -17.32 1.02
N ASN B 166 -2.28 -17.34 1.00
CA ASN B 166 -1.53 -18.56 1.30
C ASN B 166 -1.39 -18.75 2.83
N PHE B 167 -2.46 -19.23 3.49
CA PHE B 167 -2.42 -19.46 4.95
C PHE B 167 -1.63 -20.72 5.37
N GLN B 168 -1.03 -21.46 4.40
CA GLN B 168 -0.18 -22.62 4.70
C GLN B 168 1.22 -22.19 5.16
N ASN B 169 1.57 -20.92 4.88
CA ASN B 169 2.81 -20.27 5.29
C ASN B 169 2.38 -18.91 5.82
N LEU B 170 2.34 -18.78 7.16
CA LEU B 170 1.88 -17.58 7.84
C LEU B 170 2.72 -16.37 7.56
N GLU B 171 4.04 -16.52 7.48
CA GLU B 171 4.99 -15.46 7.15
C GLU B 171 4.63 -14.84 5.79
N MET B 172 4.33 -15.71 4.78
CA MET B 172 3.92 -15.33 3.43
CA MET B 172 3.94 -15.30 3.44
C MET B 172 2.56 -14.65 3.45
N ALA B 173 1.60 -15.24 4.22
CA ALA B 173 0.22 -14.72 4.37
C ALA B 173 0.25 -13.31 4.96
N GLN B 174 1.06 -13.10 6.03
CA GLN B 174 1.18 -11.77 6.67
C GLN B 174 1.70 -10.72 5.66
N LYS B 175 2.67 -11.12 4.83
CA LYS B 175 3.26 -10.29 3.79
C LYS B 175 2.24 -9.97 2.72
N GLN B 176 1.45 -10.99 2.25
CA GLN B 176 0.39 -10.79 1.25
C GLN B 176 -0.67 -9.81 1.74
N ILE B 177 -1.08 -9.98 3.00
CA ILE B 177 -2.13 -9.15 3.62
C ILE B 177 -1.64 -7.71 3.73
N ASN B 178 -0.43 -7.52 4.30
CA ASN B 178 0.14 -6.19 4.50
C ASN B 178 0.40 -5.50 3.20
N ASP B 179 0.81 -6.26 2.16
CA ASP B 179 1.03 -5.73 0.81
C ASP B 179 -0.30 -5.29 0.20
N PHE B 180 -1.35 -6.13 0.31
CA PHE B 180 -2.66 -5.80 -0.23
C PHE B 180 -3.22 -4.50 0.37
N ILE B 181 -3.13 -4.34 1.70
CA ILE B 181 -3.63 -3.16 2.40
C ILE B 181 -2.79 -1.94 2.04
N SER B 182 -1.44 -2.08 1.93
CA SER B 182 -0.57 -0.97 1.54
C SER B 182 -0.90 -0.47 0.13
N GLN B 183 -1.21 -1.40 -0.81
CA GLN B 183 -1.59 -1.06 -2.19
C GLN B 183 -2.91 -0.30 -2.19
N LYS B 184 -3.92 -0.87 -1.50
CA LYS B 184 -5.26 -0.34 -1.40
C LYS B 184 -5.32 1.05 -0.77
N THR B 185 -4.50 1.27 0.27
CA THR B 185 -4.44 2.55 0.97
C THR B 185 -3.39 3.50 0.39
N HIS B 186 -2.74 3.12 -0.72
CA HIS B 186 -1.71 3.95 -1.34
C HIS B 186 -0.58 4.33 -0.33
N GLY B 187 -0.16 3.34 0.46
CA GLY B 187 0.90 3.46 1.44
C GLY B 187 0.54 4.16 2.73
N LYS B 188 -0.76 4.36 2.99
CA LYS B 188 -1.22 5.01 4.22
C LYS B 188 -1.33 3.99 5.36
N ILE B 189 -1.75 2.75 5.07
CA ILE B 189 -1.82 1.72 6.10
C ILE B 189 -0.84 0.61 5.75
N ASN B 190 0.28 0.60 6.46
CA ASN B 190 1.36 -0.36 6.23
C ASN B 190 1.58 -1.23 7.45
N ASN B 191 2.13 -2.44 7.26
CA ASN B 191 2.44 -3.38 8.37
C ASN B 191 1.23 -3.52 9.34
N LEU B 192 0.01 -3.67 8.77
CA LEU B 192 -1.24 -3.79 9.53
C LEU B 192 -1.24 -4.99 10.49
N ILE B 193 -0.85 -6.17 9.97
CA ILE B 193 -0.80 -7.41 10.73
C ILE B 193 0.62 -7.64 11.23
N GLU B 194 0.74 -7.76 12.55
CA GLU B 194 2.02 -8.00 13.23
C GLU B 194 2.06 -9.45 13.68
N ASN B 195 0.89 -10.08 13.83
CA ASN B 195 0.81 -11.48 14.25
C ASN B 195 -0.42 -12.16 13.67
N ILE B 196 -0.26 -13.44 13.29
CA ILE B 196 -1.36 -14.30 12.84
C ILE B 196 -1.31 -15.52 13.78
N ASP B 197 -2.42 -15.80 14.50
CA ASP B 197 -2.54 -16.93 15.43
C ASP B 197 -2.38 -18.27 14.70
N PRO B 198 -1.85 -19.33 15.35
CA PRO B 198 -1.74 -20.63 14.65
C PRO B 198 -3.12 -21.15 14.23
N GLY B 199 -3.23 -21.63 13.00
CA GLY B 199 -4.49 -22.20 12.50
C GLY B 199 -5.44 -21.26 11.80
N THR B 200 -5.10 -19.97 11.71
CA THR B 200 -5.94 -18.98 11.01
C THR B 200 -6.00 -19.33 9.50
N VAL B 201 -7.21 -19.42 8.96
CA VAL B 201 -7.46 -19.69 7.54
C VAL B 201 -8.31 -18.57 6.93
N MET B 202 -8.74 -17.61 7.76
CA MET B 202 -9.55 -16.44 7.37
C MET B 202 -9.31 -15.28 8.32
N LEU B 203 -9.01 -14.10 7.76
CA LEU B 203 -8.68 -12.87 8.47
C LEU B 203 -9.45 -11.71 7.88
N LEU B 204 -10.07 -10.91 8.76
CA LEU B 204 -10.81 -9.74 8.33
C LEU B 204 -10.06 -8.48 8.70
N ALA B 205 -9.80 -7.62 7.69
CA ALA B 205 -9.15 -6.33 7.87
C ALA B 205 -10.20 -5.24 7.60
N ASN B 206 -10.45 -4.37 8.59
CA ASN B 206 -11.40 -3.27 8.45
C ASN B 206 -10.72 -1.98 8.83
N TYR B 207 -10.94 -0.96 8.02
CA TYR B 207 -10.40 0.36 8.31
C TYR B 207 -11.29 1.47 7.78
N ILE B 208 -11.10 2.64 8.35
CA ILE B 208 -11.78 3.84 7.91
C ILE B 208 -10.73 4.95 7.84
N PHE B 209 -10.73 5.68 6.72
CA PHE B 209 -9.82 6.79 6.49
C PHE B 209 -10.65 8.06 6.33
N PHE B 210 -10.34 9.08 7.14
CA PHE B 210 -11.07 10.34 7.15
C PHE B 210 -10.20 11.57 7.20
N ARG B 211 -10.39 12.47 6.21
CA ARG B 211 -9.72 13.77 6.07
C ARG B 211 -10.75 14.77 5.54
N ALA B 212 -11.15 15.73 6.37
CA ALA B 212 -12.15 16.72 5.98
C ALA B 212 -11.83 18.15 6.42
N ARG B 213 -12.19 19.13 5.57
CA ARG B 213 -12.02 20.56 5.85
C ARG B 213 -13.13 21.01 6.79
N TRP B 214 -12.84 21.95 7.71
CA TRP B 214 -13.82 22.54 8.64
C TRP B 214 -14.74 23.47 7.86
N LYS B 215 -15.90 23.86 8.45
CA LYS B 215 -16.81 24.83 7.81
C LYS B 215 -16.13 26.20 7.75
N HIS B 216 -15.34 26.52 8.81
CA HIS B 216 -14.55 27.73 8.95
C HIS B 216 -13.14 27.32 9.42
N GLU B 217 -12.13 27.62 8.58
CA GLU B 217 -10.70 27.32 8.81
C GLU B 217 -10.15 27.91 10.12
N PHE B 218 -9.22 27.20 10.77
CA PHE B 218 -8.56 27.67 11.99
C PHE B 218 -7.26 28.37 11.58
N ASP B 219 -6.93 29.48 12.24
CA ASP B 219 -5.70 30.24 11.97
C ASP B 219 -4.49 29.51 12.59
N PRO B 220 -3.52 29.02 11.78
CA PRO B 220 -2.38 28.29 12.35
C PRO B 220 -1.39 29.14 13.16
N ASN B 221 -1.39 30.47 12.96
CA ASN B 221 -0.52 31.41 13.68
C ASN B 221 -0.98 31.60 15.13
N VAL B 222 -2.32 31.67 15.35
CA VAL B 222 -2.93 31.83 16.68
C VAL B 222 -2.83 30.51 17.49
N THR B 223 -2.60 29.37 16.79
CA THR B 223 -2.42 28.05 17.40
C THR B 223 -1.10 28.03 18.19
N LYS B 224 -1.19 27.83 19.52
CA LYS B 224 -0.03 27.82 20.43
C LYS B 224 0.01 26.59 21.35
N GLU B 225 1.20 26.33 21.92
CA GLU B 225 1.44 25.22 22.85
C GLU B 225 0.84 25.56 24.21
N GLU B 226 -0.12 24.75 24.67
CA GLU B 226 -0.80 24.98 25.95
C GLU B 226 -0.88 23.72 26.81
N ASP B 227 -1.09 23.90 28.12
CA ASP B 227 -1.17 22.84 29.12
C ASP B 227 -2.46 22.02 29.06
N PHE B 228 -2.33 20.69 28.93
CA PHE B 228 -3.42 19.72 28.92
C PHE B 228 -3.36 18.93 30.23
N PHE B 229 -4.25 19.27 31.18
CA PHE B 229 -4.30 18.67 32.51
C PHE B 229 -4.83 17.22 32.48
N LEU B 230 -3.89 16.26 32.41
CA LEU B 230 -4.14 14.81 32.38
C LEU B 230 -4.75 14.37 33.72
N GLU B 231 -4.32 15.02 34.80
CA GLU B 231 -4.76 14.83 36.18
C GLU B 231 -4.83 16.23 36.83
N LYS B 232 -5.46 16.33 38.02
CA LYS B 232 -5.64 17.57 38.80
C LYS B 232 -4.35 18.40 39.01
N ASN B 233 -3.16 17.76 38.93
CA ASN B 233 -1.86 18.43 39.09
C ASN B 233 -0.90 18.17 37.93
N SER B 234 -1.03 17.01 37.24
CA SER B 234 -0.19 16.64 36.10
C SER B 234 -0.65 17.36 34.82
N SER B 235 0.31 17.90 34.03
CA SER B 235 0.04 18.62 32.79
C SER B 235 1.11 18.39 31.71
N VAL B 236 0.71 18.53 30.42
CA VAL B 236 1.57 18.33 29.25
C VAL B 236 1.29 19.43 28.20
N LYS B 237 2.36 20.02 27.62
CA LYS B 237 2.26 21.06 26.58
C LYS B 237 1.90 20.44 25.22
N VAL B 238 0.70 20.78 24.70
CA VAL B 238 0.16 20.26 23.43
C VAL B 238 -0.22 21.39 22.44
N PRO B 239 -0.19 21.15 21.09
CA PRO B 239 -0.61 22.21 20.15
C PRO B 239 -2.13 22.45 20.22
N MET B 240 -2.52 23.65 20.68
CA MET B 240 -3.92 24.06 20.88
C MET B 240 -4.40 25.06 19.81
N MET B 241 -5.38 24.66 19.00
CA MET B 241 -5.97 25.49 17.94
C MET B 241 -6.97 26.46 18.52
N PHE B 242 -6.97 27.70 18.00
CA PHE B 242 -7.88 28.75 18.46
C PHE B 242 -8.59 29.48 17.32
N ARG B 243 -9.88 29.79 17.55
CA ARG B 243 -10.77 30.54 16.68
C ARG B 243 -11.99 30.99 17.49
N SER B 244 -12.37 32.26 17.35
CA SER B 244 -13.55 32.81 18.01
C SER B 244 -14.62 33.00 16.96
N GLY B 245 -15.82 32.52 17.25
CA GLY B 245 -16.95 32.65 16.34
C GLY B 245 -18.25 32.10 16.87
N ILE B 246 -19.20 31.85 15.95
CA ILE B 246 -20.51 31.27 16.26
C ILE B 246 -20.38 29.74 16.30
N TYR B 247 -20.68 29.17 17.49
CA TYR B 247 -20.61 27.73 17.76
C TYR B 247 -21.81 27.27 18.57
N GLN B 248 -22.32 26.06 18.26
CA GLN B 248 -23.44 25.45 18.99
C GLN B 248 -22.88 24.88 20.28
N VAL B 249 -23.22 25.52 21.42
CA VAL B 249 -22.73 25.14 22.74
C VAL B 249 -23.89 24.85 23.71
N GLY B 250 -23.61 24.05 24.74
CA GLY B 250 -24.59 23.67 25.76
C GLY B 250 -23.98 22.96 26.95
N TYR B 251 -24.75 22.90 28.06
CA TYR B 251 -24.33 22.21 29.28
C TYR B 251 -25.41 21.23 29.76
N ASP B 252 -25.00 19.96 29.98
CA ASP B 252 -25.87 18.88 30.45
C ASP B 252 -25.72 18.67 31.96
N ASP B 253 -26.70 19.17 32.74
CA ASP B 253 -26.73 19.05 34.20
C ASP B 253 -26.98 17.61 34.69
N LYS B 254 -27.61 16.78 33.84
CA LYS B 254 -27.94 15.37 34.15
C LYS B 254 -26.71 14.44 34.11
N LEU B 255 -25.65 14.82 33.38
CA LEU B 255 -24.41 14.05 33.30
C LEU B 255 -23.17 14.90 33.66
N SER B 256 -23.38 16.20 33.96
CA SER B 256 -22.37 17.21 34.34
C SER B 256 -21.22 17.32 33.31
N CYS B 257 -21.57 17.83 32.10
CA CYS B 257 -20.64 17.98 30.96
C CYS B 257 -21.03 19.11 30.00
N THR B 258 -20.02 19.67 29.31
CA THR B 258 -20.15 20.74 28.32
C THR B 258 -20.10 20.13 26.90
N ILE B 259 -21.09 20.48 26.07
CA ILE B 259 -21.22 20.01 24.69
C ILE B 259 -20.86 21.16 23.73
N LEU B 260 -19.99 20.87 22.74
CA LEU B 260 -19.53 21.83 21.75
C LEU B 260 -19.51 21.19 20.36
N GLU B 261 -20.07 21.90 19.37
CA GLU B 261 -20.13 21.43 18.00
C GLU B 261 -19.32 22.31 17.06
N ILE B 262 -18.36 21.71 16.35
CA ILE B 262 -17.53 22.37 15.34
C ILE B 262 -17.83 21.64 14.02
N PRO B 263 -18.64 22.23 13.12
CA PRO B 263 -19.01 21.52 11.89
C PRO B 263 -17.94 21.53 10.81
N TYR B 264 -17.90 20.46 10.02
CA TYR B 264 -17.00 20.31 8.89
C TYR B 264 -17.65 20.97 7.66
N GLN B 265 -16.97 20.94 6.50
CA GLN B 265 -17.49 21.56 5.27
C GLN B 265 -18.72 20.80 4.76
N LYS B 266 -18.67 19.44 4.77
CA LYS B 266 -19.81 18.62 4.38
C LYS B 266 -20.81 18.53 5.55
N ASN B 267 -21.85 17.67 5.45
CA ASN B 267 -22.83 17.54 6.53
C ASN B 267 -22.32 16.68 7.70
N ILE B 268 -21.08 16.94 8.15
CA ILE B 268 -20.40 16.22 9.23
C ILE B 268 -20.05 17.20 10.36
N THR B 269 -20.15 16.75 11.62
CA THR B 269 -19.88 17.55 12.81
C THR B 269 -18.99 16.81 13.82
N ALA B 270 -18.05 17.53 14.44
CA ALA B 270 -17.21 17.05 15.54
C ALA B 270 -17.91 17.52 16.83
N ILE B 271 -18.21 16.59 17.74
CA ILE B 271 -18.90 16.88 19.00
C ILE B 271 -17.96 16.62 20.16
N PHE B 272 -17.62 17.69 20.90
CA PHE B 272 -16.71 17.68 22.05
C PHE B 272 -17.50 17.66 23.36
N ILE B 273 -17.39 16.53 24.10
CA ILE B 273 -18.05 16.36 25.40
C ILE B 273 -16.98 16.37 26.49
N LEU B 274 -16.93 17.46 27.27
CA LEU B 274 -15.94 17.67 28.33
C LEU B 274 -16.58 17.60 29.74
N PRO B 275 -16.18 16.63 30.61
CA PRO B 275 -16.76 16.59 31.97
C PRO B 275 -16.16 17.64 32.92
N ASP B 276 -16.88 17.94 34.03
CA ASP B 276 -16.50 18.96 35.02
C ASP B 276 -15.42 18.54 36.03
N GLU B 277 -15.45 17.27 36.48
CA GLU B 277 -14.50 16.73 37.48
C GLU B 277 -13.06 16.70 36.99
N LYS B 281 -15.87 9.99 34.22
CA LYS B 281 -16.19 8.62 34.64
C LYS B 281 -17.71 8.39 34.78
N HIS B 282 -18.44 9.39 35.32
CA HIS B 282 -19.89 9.33 35.49
C HIS B 282 -20.60 9.50 34.14
N LEU B 283 -20.00 10.31 33.23
CA LEU B 283 -20.46 10.59 31.88
C LEU B 283 -20.43 9.30 31.03
N GLU B 284 -19.34 8.52 31.15
CA GLU B 284 -19.12 7.24 30.46
C GLU B 284 -20.21 6.24 30.80
N LYS B 285 -20.51 6.09 32.10
CA LYS B 285 -21.52 5.18 32.65
C LYS B 285 -22.96 5.44 32.17
N GLY B 286 -23.31 6.72 31.99
CA GLY B 286 -24.63 7.14 31.55
C GLY B 286 -24.77 7.46 30.07
N LEU B 287 -24.13 6.65 29.20
CA LEU B 287 -24.20 6.83 27.74
C LEU B 287 -25.25 5.92 27.11
N GLN B 288 -26.22 6.51 26.41
CA GLN B 288 -27.32 5.83 25.70
C GLN B 288 -27.68 6.62 24.43
N VAL B 289 -28.55 6.06 23.55
CA VAL B 289 -28.94 6.75 22.30
C VAL B 289 -29.82 7.98 22.60
N ASP B 290 -30.68 7.90 23.65
CA ASP B 290 -31.54 9.01 24.09
C ASP B 290 -30.72 10.23 24.55
N THR B 291 -29.43 10.02 24.91
CA THR B 291 -28.48 11.03 25.35
C THR B 291 -28.09 11.99 24.21
N PHE B 292 -27.92 11.46 22.98
CA PHE B 292 -27.53 12.25 21.81
C PHE B 292 -28.59 13.26 21.39
N SER B 293 -29.86 12.80 21.19
CA SER B 293 -31.00 13.63 20.80
C SER B 293 -31.29 14.72 21.86
N ARG B 294 -31.07 14.38 23.15
CA ARG B 294 -31.23 15.26 24.31
C ARG B 294 -30.20 16.40 24.28
N TRP B 295 -28.96 16.09 23.84
CA TRP B 295 -27.86 17.05 23.70
C TRP B 295 -28.15 18.04 22.57
N LYS B 296 -28.87 17.60 21.53
CA LYS B 296 -29.26 18.41 20.37
C LYS B 296 -30.26 19.52 20.73
N THR B 297 -31.26 19.20 21.57
CA THR B 297 -32.27 20.16 22.04
C THR B 297 -31.70 21.08 23.15
N LEU B 298 -30.44 20.82 23.55
CA LEU B 298 -29.71 21.52 24.60
C LEU B 298 -28.67 22.52 24.02
N LEU B 299 -28.34 22.39 22.72
CA LEU B 299 -27.39 23.25 22.02
C LEU B 299 -28.00 24.58 21.62
N SER B 300 -27.24 25.67 21.83
CA SER B 300 -27.64 27.04 21.48
C SER B 300 -26.52 27.74 20.72
N ARG B 301 -26.88 28.49 19.65
CA ARG B 301 -25.89 29.23 18.84
C ARG B 301 -25.38 30.42 19.66
N ARG B 302 -24.11 30.35 20.08
CA ARG B 302 -23.48 31.39 20.90
C ARG B 302 -22.15 31.88 20.33
N VAL B 303 -21.75 33.12 20.70
CA VAL B 303 -20.50 33.74 20.29
C VAL B 303 -19.43 33.50 21.39
N VAL B 304 -18.86 32.29 21.37
CA VAL B 304 -17.85 31.85 22.33
C VAL B 304 -16.63 31.32 21.58
N CYS B 305 -15.44 31.75 22.03
CA CYS B 305 -14.14 31.35 21.48
C CYS B 305 -13.85 29.89 21.80
N VAL B 306 -13.15 29.16 20.90
CA VAL B 306 -12.84 27.74 21.11
C VAL B 306 -11.33 27.47 21.12
N SER B 307 -10.88 26.65 22.08
CA SER B 307 -9.49 26.22 22.19
C SER B 307 -9.50 24.70 22.21
N VAL B 308 -9.30 24.12 21.02
CA VAL B 308 -9.35 22.68 20.78
C VAL B 308 -7.97 22.13 20.37
N PRO B 309 -7.51 21.00 20.96
CA PRO B 309 -6.18 20.48 20.58
C PRO B 309 -6.14 19.77 19.22
N ARG B 310 -4.97 19.72 18.58
CA ARG B 310 -4.75 19.02 17.30
C ARG B 310 -4.71 17.51 17.58
N LEU B 311 -5.30 16.71 16.67
CA LEU B 311 -5.33 15.25 16.83
C LEU B 311 -4.90 14.49 15.59
N HIS B 312 -4.08 13.46 15.80
CA HIS B 312 -3.69 12.50 14.77
C HIS B 312 -3.98 11.14 15.39
N MET B 313 -5.28 10.78 15.39
CA MET B 313 -5.74 9.55 16.00
C MET B 313 -5.57 8.33 15.11
N THR B 314 -4.81 7.35 15.63
CA THR B 314 -4.50 6.06 15.02
C THR B 314 -4.87 5.00 16.07
N GLY B 315 -6.01 4.36 15.86
CA GLY B 315 -6.49 3.31 16.73
C GLY B 315 -6.51 1.97 16.03
N THR B 316 -5.69 1.01 16.50
CA THR B 316 -5.67 -0.36 16.00
C THR B 316 -6.26 -1.30 17.07
N PHE B 317 -7.27 -2.10 16.68
CA PHE B 317 -7.94 -2.99 17.60
C PHE B 317 -8.01 -4.43 17.13
N ASP B 318 -7.83 -5.36 18.08
CA ASP B 318 -8.04 -6.79 17.90
C ASP B 318 -9.58 -6.93 18.12
N LEU B 319 -10.32 -7.14 17.03
CA LEU B 319 -11.78 -7.24 17.05
C LEU B 319 -12.31 -8.48 17.77
N LYS B 320 -11.50 -9.56 17.81
CA LYS B 320 -11.86 -10.78 18.54
C LYS B 320 -11.91 -10.45 20.06
N LYS B 321 -10.89 -9.73 20.57
CA LYS B 321 -10.80 -9.29 21.96
C LYS B 321 -11.89 -8.23 22.27
N THR B 322 -12.03 -7.19 21.40
CA THR B 322 -13.01 -6.10 21.53
C THR B 322 -14.46 -6.58 21.56
N LEU B 323 -14.83 -7.47 20.62
CA LEU B 323 -16.20 -7.95 20.47
C LEU B 323 -16.65 -8.92 21.54
N SER B 324 -15.70 -9.60 22.23
CA SER B 324 -16.02 -10.50 23.33
C SER B 324 -16.65 -9.71 24.48
N TYR B 325 -16.35 -8.38 24.56
CA TYR B 325 -16.89 -7.46 25.56
C TYR B 325 -18.40 -7.20 25.37
N ILE B 326 -18.88 -7.26 24.12
CA ILE B 326 -20.30 -7.07 23.78
C ILE B 326 -21.02 -8.42 23.48
N GLY B 327 -20.41 -9.53 23.90
CA GLY B 327 -20.95 -10.87 23.77
C GLY B 327 -20.87 -11.52 22.40
N VAL B 328 -20.02 -11.01 21.50
CA VAL B 328 -19.86 -11.56 20.15
C VAL B 328 -18.56 -12.38 20.06
N SER B 329 -18.67 -13.72 20.00
CA SER B 329 -17.50 -14.59 19.92
C SER B 329 -17.65 -15.76 18.95
N LYS B 330 -18.88 -16.23 18.69
CA LYS B 330 -19.19 -17.39 17.81
C LYS B 330 -18.61 -17.25 16.40
N ILE B 331 -18.59 -16.01 15.86
CA ILE B 331 -18.01 -15.72 14.53
C ILE B 331 -16.50 -16.10 14.49
N PHE B 332 -15.83 -16.12 15.66
CA PHE B 332 -14.41 -16.43 15.79
C PHE B 332 -14.19 -17.87 16.25
N GLU B 333 -15.22 -18.71 16.10
CA GLU B 333 -15.22 -20.11 16.52
C GLU B 333 -15.82 -20.99 15.44
N GLU B 334 -15.42 -22.27 15.44
CA GLU B 334 -15.91 -23.30 14.54
C GLU B 334 -17.30 -23.73 15.02
N HIS B 335 -18.33 -23.54 14.18
CA HIS B 335 -19.70 -23.91 14.50
C HIS B 335 -20.44 -24.47 13.27
N GLY B 336 -19.78 -24.46 12.10
CA GLY B 336 -20.36 -24.90 10.83
C GLY B 336 -21.38 -23.90 10.34
N ASP B 337 -21.18 -22.61 10.74
CA ASP B 337 -22.09 -21.53 10.46
C ASP B 337 -21.67 -20.61 9.32
N LEU B 338 -20.53 -20.92 8.68
CA LEU B 338 -19.96 -20.11 7.61
C LEU B 338 -19.79 -20.86 6.28
N THR B 339 -20.63 -21.90 6.04
CA THR B 339 -20.58 -22.70 4.80
C THR B 339 -20.95 -21.86 3.55
N LYS B 340 -21.73 -20.77 3.74
CA LYS B 340 -22.09 -19.84 2.66
C LYS B 340 -20.85 -19.08 2.18
N ILE B 341 -19.81 -18.92 3.06
CA ILE B 341 -18.54 -18.26 2.71
C ILE B 341 -17.67 -19.24 1.88
N ALA B 342 -17.41 -20.44 2.43
CA ALA B 342 -16.65 -21.52 1.77
C ALA B 342 -17.22 -22.84 2.32
N PRO B 343 -17.37 -23.91 1.51
CA PRO B 343 -18.04 -25.14 2.01
C PRO B 343 -17.24 -25.98 3.00
N HIS B 344 -17.02 -25.44 4.22
CA HIS B 344 -16.27 -26.10 5.29
C HIS B 344 -16.90 -25.78 6.63
N ARG B 345 -17.27 -26.84 7.39
CA ARG B 345 -17.87 -26.79 8.72
CA ARG B 345 -17.89 -26.70 8.70
C ARG B 345 -16.88 -26.15 9.71
N SER B 346 -15.60 -26.41 9.50
CA SER B 346 -14.49 -25.95 10.34
C SER B 346 -14.20 -24.46 10.20
N LEU B 347 -14.75 -23.78 9.17
CA LEU B 347 -14.50 -22.38 8.89
C LEU B 347 -14.99 -21.42 9.99
N LYS B 348 -14.10 -20.51 10.39
CA LYS B 348 -14.31 -19.44 11.37
C LYS B 348 -13.44 -18.23 10.96
N VAL B 349 -13.71 -17.05 11.56
CA VAL B 349 -12.87 -15.86 11.38
C VAL B 349 -11.79 -16.03 12.45
N GLY B 350 -10.59 -16.40 12.03
CA GLY B 350 -9.48 -16.63 12.95
C GLY B 350 -8.96 -15.35 13.58
N GLU B 351 -8.97 -14.27 12.80
CA GLU B 351 -8.47 -12.98 13.23
C GLU B 351 -9.21 -11.87 12.52
N ALA B 352 -9.42 -10.76 13.22
CA ALA B 352 -10.09 -9.58 12.68
C ALA B 352 -9.47 -8.34 13.31
N VAL B 353 -9.16 -7.34 12.47
CA VAL B 353 -8.53 -6.09 12.91
C VAL B 353 -9.30 -4.86 12.45
N HIS B 354 -9.23 -3.80 13.27
CA HIS B 354 -9.86 -2.52 12.96
C HIS B 354 -8.82 -1.43 13.09
N LYS B 355 -8.77 -0.54 12.09
CA LYS B 355 -7.90 0.62 12.12
C LYS B 355 -8.71 1.90 11.86
N ALA B 356 -8.74 2.82 12.84
CA ALA B 356 -9.47 4.09 12.71
C ALA B 356 -8.44 5.22 12.57
N GLU B 357 -8.37 5.79 11.35
CA GLU B 357 -7.43 6.84 10.99
C GLU B 357 -8.17 8.17 10.73
N LEU B 358 -7.99 9.14 11.66
CA LEU B 358 -8.55 10.49 11.60
C LEU B 358 -7.48 11.52 11.94
N LYS B 359 -7.51 12.65 11.23
CA LYS B 359 -6.63 13.80 11.46
C LYS B 359 -7.49 15.04 11.68
N MET B 360 -7.23 15.74 12.78
CA MET B 360 -7.89 16.98 13.18
C MET B 360 -6.87 18.11 13.28
N ASP B 361 -6.92 19.03 12.31
CA ASP B 361 -6.03 20.19 12.24
C ASP B 361 -6.75 21.45 11.75
N GLU B 362 -6.01 22.56 11.64
CA GLU B 362 -6.48 23.88 11.24
C GLU B 362 -7.20 23.95 9.88
N ARG B 363 -6.85 23.02 8.93
CA ARG B 363 -7.38 22.94 7.55
C ARG B 363 -8.91 23.03 7.44
N GLY B 364 -9.35 24.01 6.64
CA GLY B 364 -10.75 24.32 6.38
C GLY B 364 -10.93 25.30 5.24
N THR B 365 -12.20 25.50 4.83
CA THR B 365 -12.58 26.41 3.73
C THR B 365 -12.49 27.88 4.17
N LEU B 382 -17.21 32.53 29.58
CA LEU B 382 -15.91 32.90 29.01
C LEU B 382 -15.55 32.01 27.78
N CYS B 383 -14.34 31.43 27.75
CA CYS B 383 -13.83 30.60 26.66
C CYS B 383 -13.91 29.12 27.00
N VAL B 384 -14.39 28.30 26.05
CA VAL B 384 -14.49 26.86 26.25
C VAL B 384 -13.09 26.23 26.05
N LYS B 385 -12.52 25.67 27.13
CA LYS B 385 -11.18 25.08 27.08
C LYS B 385 -11.19 23.56 27.12
N ILE B 386 -10.80 22.94 26.00
CA ILE B 386 -10.74 21.48 25.84
C ILE B 386 -9.28 21.05 26.20
N ASP B 387 -8.86 21.40 27.43
CA ASP B 387 -7.53 21.14 28.00
C ASP B 387 -7.54 20.13 29.16
N LYS B 388 -8.55 19.23 29.16
CA LYS B 388 -8.76 18.17 30.14
C LYS B 388 -9.30 16.93 29.40
N PRO B 389 -9.15 15.67 29.90
CA PRO B 389 -9.70 14.51 29.15
C PRO B 389 -11.15 14.71 28.71
N TYR B 390 -11.44 14.36 27.45
CA TYR B 390 -12.73 14.59 26.81
C TYR B 390 -13.13 13.48 25.84
N LEU B 391 -14.43 13.45 25.47
CA LEU B 391 -15.00 12.52 24.49
C LEU B 391 -15.19 13.25 23.17
N LEU B 392 -14.92 12.55 22.06
CA LEU B 392 -15.09 13.10 20.72
C LEU B 392 -16.05 12.25 19.89
N LEU B 393 -17.01 12.89 19.22
CA LEU B 393 -17.99 12.21 18.39
C LEU B 393 -18.05 12.86 17.00
N ILE B 394 -17.65 12.12 15.95
CA ILE B 394 -17.71 12.58 14.55
C ILE B 394 -19.01 11.98 13.97
N TYR B 395 -20.01 12.85 13.71
CA TYR B 395 -21.34 12.46 13.24
C TYR B 395 -21.73 13.07 11.89
N SER B 396 -22.15 12.23 10.92
CA SER B 396 -22.66 12.70 9.62
C SER B 396 -24.18 12.80 9.68
N GLU B 397 -24.70 14.00 9.36
CA GLU B 397 -26.12 14.37 9.40
C GLU B 397 -26.94 13.91 8.19
N LYS B 398 -26.55 14.30 6.95
CA LYS B 398 -27.29 13.96 5.73
C LYS B 398 -27.39 12.43 5.50
N ILE B 399 -26.27 11.72 5.67
CA ILE B 399 -26.23 10.26 5.59
C ILE B 399 -26.01 9.86 7.05
N PRO B 400 -27.11 9.60 7.82
CA PRO B 400 -26.95 9.32 9.26
C PRO B 400 -25.98 8.19 9.57
N SER B 401 -24.98 8.48 10.44
CA SER B 401 -23.92 7.55 10.86
C SER B 401 -22.99 8.19 11.89
N VAL B 402 -22.42 7.36 12.78
CA VAL B 402 -21.40 7.79 13.74
C VAL B 402 -20.09 7.27 13.17
N LEU B 403 -19.36 8.17 12.51
CA LEU B 403 -18.10 7.88 11.84
C LEU B 403 -17.01 7.52 12.83
N PHE B 404 -16.93 8.24 13.96
CA PHE B 404 -15.91 7.99 14.98
C PHE B 404 -16.40 8.35 16.35
N LEU B 405 -15.91 7.61 17.37
CA LEU B 405 -16.17 7.85 18.78
C LEU B 405 -14.89 7.56 19.53
N GLY B 406 -14.49 8.51 20.36
CA GLY B 406 -13.26 8.38 21.12
C GLY B 406 -13.23 9.06 22.47
N LYS B 407 -12.31 8.59 23.31
CA LYS B 407 -11.99 9.10 24.63
C LYS B 407 -10.52 9.56 24.54
N ILE B 408 -10.29 10.88 24.61
CA ILE B 408 -8.94 11.43 24.54
C ILE B 408 -8.52 11.85 25.95
N VAL B 409 -7.46 11.20 26.48
CA VAL B 409 -6.88 11.50 27.80
C VAL B 409 -5.60 12.34 27.65
N ASN B 410 -4.95 12.24 26.48
CA ASN B 410 -3.74 12.95 26.07
C ASN B 410 -3.74 13.01 24.53
N PRO B 411 -3.82 14.22 23.90
CA PRO B 411 -3.86 14.28 22.43
C PRO B 411 -2.62 13.73 21.69
N ILE B 412 -1.49 13.51 22.40
CA ILE B 412 -0.27 12.95 21.79
C ILE B 412 -0.39 11.41 21.65
N GLY B 413 -0.36 10.69 22.77
CA GLY B 413 -0.46 9.23 22.81
C GLY B 413 -0.09 8.63 24.14
C1 EDO C . 0.70 6.39 -15.62
O1 EDO C . 0.03 7.54 -15.10
C2 EDO C . -0.34 5.45 -16.26
O2 EDO C . -1.25 5.04 -15.25
S SO4 D . -11.12 -11.07 -17.71
O1 SO4 D . -12.43 -11.70 -17.87
O2 SO4 D . -10.08 -11.99 -18.23
O3 SO4 D . -11.09 -9.82 -18.45
O4 SO4 D . -10.86 -10.81 -16.30
C1 EDO E . 30.44 13.94 -8.38
O1 EDO E . 31.41 14.61 -7.59
C2 EDO E . 30.96 13.75 -9.84
O2 EDO E . 32.19 13.03 -9.82
C1 EDO F . 19.24 -14.34 -5.05
O1 EDO F . 19.64 -13.23 -5.83
C2 EDO F . 18.66 -13.80 -3.75
O2 EDO F . 17.62 -12.92 -4.09
C1 EDO G . 25.99 -0.71 -16.49
O1 EDO G . 25.43 -1.71 -15.65
C2 EDO G . 25.37 0.70 -16.34
O2 EDO G . 24.03 0.78 -16.79
C1 EDO H . 2.03 -16.80 -32.19
O1 EDO H . 1.76 -17.36 -30.90
C2 EDO H . 3.57 -16.80 -32.51
O2 EDO H . 3.82 -16.06 -33.71
C1 EDO I . -11.51 -14.85 -5.86
O1 EDO I . -10.98 -13.99 -4.86
C2 EDO I . -11.92 -16.17 -5.20
O2 EDO I . -12.49 -17.03 -6.17
C1 EDO J . -24.52 -1.08 14.07
O1 EDO J . -24.85 -1.20 15.43
C2 EDO J . -25.60 -0.40 13.22
O2 EDO J . -25.00 0.56 12.36
#